data_4MWE
#
_entry.id   4MWE
#
_cell.length_a   87.448
_cell.length_b   106.086
_cell.length_c   206.505
_cell.angle_alpha   90.000
_cell.angle_beta   90.000
_cell.angle_gamma   90.000
#
_symmetry.space_group_name_H-M   'P 21 21 21'
#
loop_
_entity.id
_entity.type
_entity.pdbx_description
1 polymer 'Methionyl-tRNA synthetase'
2 non-polymer GLYCEROL
3 non-polymer 'DIMETHYL SULFOXIDE'
4 non-polymer 'SULFATE ION'
5 non-polymer METHIONINE
6 non-polymer 1-(3-{[5-chloro-3-(prop-2-en-1-yl)-2-(prop-2-en-1-yloxy)benzyl]amino}propyl)-3-thiophen-3-ylurea
7 water water
#
_entity_poly.entity_id   1
_entity_poly.type   'polypeptide(L)'
_entity_poly.pdbx_seq_one_letter_code
;GPGSMKVEKVFFVTSPIYYVNAAPHIGHVYSTLITDVIGRYHRVKGERVFALTGTDEHGQKVAEAAKQKQVSPYDFTTAV
AGEFKKCFEQMDYSIDYFIRTTNEQHKAVVKELWTKLEQKGDIYLGRYEGWYSISDESFLTPQNITDGVDKDGNPCKVSL
ESGHVVTWVSEENYMFRLSAFRERLLEWYHANPGCIVPEFRRREVIRAVEKGLPDLSVSRARATLHNWAIPVPGNPDH
(CAS)VYVWLDALTNYLTGSRLRVDESGKEVSLVDDFNELERFPADVHVIGKDILKFHAIYWPAFLLSAGLPLPKKIVAH
GWWTKDRKKISKSLGNVFDPVEKAEEFGYDALKYFLLRESGFSDDGDYSDKNMIARLNGELADTLGNLVMRCTSAKINVN
GEWPSPAAYTEEDESLIQLIKDLPGTADHYYLIPDIQKAIIAVFDVLRAINAYVTDMAPWKLVKTDPERLRTVLYITLEG
VRVTTLLLSPILPRKSVVIFDMLGVPEVHRKGIENFEFGAVPPGTRLGPAVEGEVLFSKRSTENTKST
;
_entity_poly.pdbx_strand_id   A,B
#
# COMPACT_ATOMS: atom_id res chain seq x y z
N LYS A 6 20.86 -9.38 17.80
CA LYS A 6 20.97 -9.83 19.23
C LYS A 6 21.93 -11.02 19.36
N VAL A 7 21.39 -12.24 19.42
CA VAL A 7 22.18 -13.47 19.56
C VAL A 7 21.74 -14.50 18.53
N GLU A 8 22.56 -15.53 18.35
CA GLU A 8 22.27 -16.61 17.41
C GLU A 8 21.83 -17.83 18.20
N LYS A 9 20.55 -18.13 18.14
CA LYS A 9 20.00 -19.30 18.79
C LYS A 9 18.99 -19.93 17.83
N VAL A 10 18.38 -21.05 18.22
CA VAL A 10 17.32 -21.66 17.44
C VAL A 10 16.06 -20.85 17.69
N PHE A 11 15.42 -20.40 16.62
CA PHE A 11 14.15 -19.70 16.76
C PHE A 11 13.13 -20.72 17.22
N PHE A 12 12.54 -20.46 18.38
CA PHE A 12 11.66 -21.41 19.06
C PHE A 12 10.24 -20.86 19.08
N VAL A 13 9.33 -21.56 18.41
CA VAL A 13 7.94 -21.15 18.32
C VAL A 13 7.06 -22.31 18.75
N THR A 14 6.03 -22.01 19.56
CA THR A 14 5.17 -23.03 20.15
C THR A 14 3.69 -22.78 19.84
N SER A 15 2.90 -23.83 19.96
CA SER A 15 1.47 -23.70 20.01
C SER A 15 1.06 -24.13 21.40
N PRO A 16 -0.19 -23.86 21.79
CA PRO A 16 -0.64 -24.49 23.03
C PRO A 16 -0.63 -26.02 22.89
N ILE A 17 -0.58 -26.73 24.01
CA ILE A 17 -0.92 -28.16 24.00
C ILE A 17 -2.37 -28.37 24.39
N TYR A 18 -3.08 -29.14 23.57
CA TYR A 18 -4.54 -29.18 23.62
C TYR A 18 -5.05 -30.27 24.56
N TYR A 19 -6.14 -30.01 25.29
CA TYR A 19 -6.77 -31.07 26.06
C TYR A 19 -7.26 -32.14 25.11
N VAL A 20 -7.12 -33.40 25.51
CA VAL A 20 -7.57 -34.54 24.71
C VAL A 20 -8.88 -35.13 25.20
N ASN A 21 -9.74 -34.28 25.74
CA ASN A 21 -11.08 -34.69 26.19
C ASN A 21 -12.02 -34.95 25.02
N ALA A 22 -11.72 -34.36 23.87
CA ALA A 22 -12.51 -34.55 22.66
C ALA A 22 -11.65 -34.47 21.41
N ALA A 23 -12.26 -34.84 20.29
CA ALA A 23 -11.57 -34.92 19.01
C ALA A 23 -11.00 -33.56 18.61
N PRO A 24 -9.96 -33.58 17.76
CA PRO A 24 -9.44 -32.33 17.25
C PRO A 24 -10.45 -31.64 16.31
N HIS A 25 -10.45 -30.31 16.34
CA HIS A 25 -11.35 -29.50 15.56
C HIS A 25 -10.62 -28.23 15.10
N ILE A 26 -11.35 -27.35 14.43
CA ILE A 26 -10.76 -26.16 13.79
C ILE A 26 -9.92 -25.26 14.72
N GLY A 27 -10.38 -25.01 15.93
CA GLY A 27 -9.61 -24.21 16.88
C GLY A 27 -8.17 -24.66 17.03
N HIS A 28 -7.99 -25.96 17.16
CA HIS A 28 -6.65 -26.53 17.30
C HIS A 28 -5.86 -26.36 16.03
N VAL A 29 -6.51 -26.69 14.90
CA VAL A 29 -5.92 -26.55 13.59
C VAL A 29 -5.48 -25.11 13.32
N TYR A 30 -6.30 -24.14 13.69
CA TYR A 30 -5.95 -22.72 13.51
C TYR A 30 -4.73 -22.34 14.36
N SER A 31 -4.75 -22.72 15.63
CA SER A 31 -3.64 -22.36 16.54
C SER A 31 -2.33 -22.95 16.02
N THR A 32 -2.38 -24.20 15.57
CA THR A 32 -1.18 -24.88 15.13
C THR A 32 -0.77 -24.35 13.74
N LEU A 33 -1.73 -23.90 12.96
CA LEU A 33 -1.42 -23.24 11.70
C LEU A 33 -0.54 -22.00 11.89
N ILE A 34 -0.93 -21.14 12.81
CA ILE A 34 -0.19 -19.90 13.08
C ILE A 34 1.23 -20.22 13.52
N THR A 35 1.36 -21.21 14.39
CA THR A 35 2.68 -21.67 14.84
C THR A 35 3.49 -22.18 13.64
N ASP A 36 2.85 -22.91 12.74
CA ASP A 36 3.53 -23.47 11.58
C ASP A 36 4.03 -22.40 10.61
N VAL A 37 3.16 -21.43 10.31
CA VAL A 37 3.51 -20.31 9.42
C VAL A 37 4.69 -19.49 9.98
N ILE A 38 4.63 -19.12 11.24
CA ILE A 38 5.75 -18.40 11.84
C ILE A 38 7.04 -19.21 11.67
N GLY A 39 7.00 -20.51 11.99
CA GLY A 39 8.20 -21.34 11.86
C GLY A 39 8.69 -21.40 10.42
N ARG A 40 7.76 -21.60 9.49
CA ARG A 40 8.11 -21.69 8.07
C ARG A 40 8.78 -20.42 7.56
N TYR A 41 8.25 -19.25 7.93
CA TYR A 41 8.86 -17.98 7.50
C TYR A 41 10.29 -17.83 7.99
N HIS A 42 10.57 -18.27 9.20
CA HIS A 42 11.93 -18.15 9.70
C HIS A 42 12.87 -19.15 9.04
N ARG A 43 12.32 -20.29 8.63
CA ARG A 43 13.11 -21.24 7.85
C ARG A 43 13.45 -20.67 6.48
N VAL A 44 12.51 -19.99 5.81
CA VAL A 44 12.83 -19.41 4.51
C VAL A 44 13.78 -18.22 4.63
N LYS A 45 13.81 -17.56 5.79
CA LYS A 45 14.88 -16.60 6.07
C LYS A 45 16.22 -17.30 6.31
N GLY A 46 16.24 -18.63 6.35
CA GLY A 46 17.45 -19.40 6.55
C GLY A 46 17.88 -19.53 8.01
N GLU A 47 16.96 -19.31 8.95
CA GLU A 47 17.25 -19.50 10.37
C GLU A 47 16.99 -20.94 10.81
N ARG A 48 17.65 -21.35 11.89
CA ARG A 48 17.34 -22.59 12.59
C ARG A 48 16.03 -22.42 13.34
N VAL A 49 15.15 -23.42 13.23
CA VAL A 49 13.82 -23.31 13.82
C VAL A 49 13.42 -24.59 14.54
N PHE A 50 12.70 -24.44 15.63
CA PHE A 50 12.11 -25.57 16.31
C PHE A 50 10.66 -25.22 16.60
N ALA A 51 9.74 -25.85 15.87
CA ALA A 51 8.32 -25.57 16.09
C ALA A 51 7.73 -26.69 16.89
N LEU A 52 7.01 -26.34 17.94
CA LEU A 52 6.50 -27.30 18.89
C LEU A 52 4.99 -27.26 18.97
N THR A 53 4.36 -28.44 19.01
CA THR A 53 2.92 -28.54 19.28
C THR A 53 2.67 -29.80 20.12
N GLY A 54 1.43 -30.03 20.55
CA GLY A 54 1.14 -31.26 21.29
C GLY A 54 -0.16 -31.32 22.06
N THR A 55 -0.20 -32.23 23.05
CA THR A 55 -1.45 -32.51 23.77
C THR A 55 -1.27 -32.45 25.28
N ASP A 56 -2.27 -31.88 25.96
CA ASP A 56 -2.36 -31.74 27.41
C ASP A 56 -3.24 -32.90 27.86
N GLU A 57 -2.66 -33.84 28.60
CA GLU A 57 -3.31 -35.15 28.78
C GLU A 57 -3.73 -35.50 30.21
N HIS A 58 -3.17 -34.79 31.18
CA HIS A 58 -3.54 -34.99 32.57
C HIS A 58 -4.72 -34.13 32.98
N GLY A 59 -5.12 -34.29 34.23
CA GLY A 59 -6.15 -33.47 34.85
C GLY A 59 -7.52 -34.12 34.95
N GLN A 60 -8.39 -33.43 35.67
CA GLN A 60 -9.72 -33.89 35.99
C GLN A 60 -10.61 -33.90 34.76
N LYS A 61 -10.54 -32.81 34.01
CA LYS A 61 -11.31 -32.65 32.78
C LYS A 61 -11.09 -33.85 31.88
N VAL A 62 -9.84 -34.16 31.59
CA VAL A 62 -9.50 -35.30 30.74
C VAL A 62 -9.90 -36.63 31.38
N ALA A 63 -9.58 -36.82 32.65
CA ALA A 63 -9.92 -38.06 33.35
C ALA A 63 -11.42 -38.31 33.32
N GLU A 64 -12.20 -37.25 33.52
CA GLU A 64 -13.65 -37.39 33.57
C GLU A 64 -14.24 -37.63 32.19
N ALA A 65 -13.66 -37.03 31.16
CA ALA A 65 -14.04 -37.34 29.78
C ALA A 65 -13.80 -38.82 29.45
N ALA A 66 -12.74 -39.39 30.01
CA ALA A 66 -12.40 -40.80 29.81
C ALA A 66 -13.34 -41.70 30.58
N LYS A 67 -13.73 -41.25 31.77
CA LYS A 67 -14.72 -41.94 32.58
C LYS A 67 -16.08 -41.98 31.86
N GLN A 68 -16.47 -40.84 31.28
CA GLN A 68 -17.72 -40.75 30.51
C GLN A 68 -17.78 -41.76 29.35
N LYS A 69 -16.65 -42.00 28.71
CA LYS A 69 -16.57 -42.99 27.61
C LYS A 69 -16.30 -44.41 28.11
N GLN A 70 -16.23 -44.59 29.43
CA GLN A 70 -15.99 -45.90 30.04
C GLN A 70 -14.70 -46.55 29.54
N VAL A 71 -13.61 -45.77 29.53
CA VAL A 71 -12.29 -46.27 29.16
C VAL A 71 -11.25 -45.78 30.16
N SER A 72 -10.11 -46.47 30.25
CA SER A 72 -9.01 -46.03 31.11
C SER A 72 -8.33 -44.79 30.54
N PRO A 73 -7.85 -43.90 31.43
CA PRO A 73 -7.20 -42.67 30.97
C PRO A 73 -6.01 -42.92 30.03
N TYR A 74 -5.26 -43.99 30.25
CA TYR A 74 -4.10 -44.31 29.42
C TYR A 74 -4.54 -44.57 27.97
N ASP A 75 -5.55 -45.43 27.82
CA ASP A 75 -6.06 -45.81 26.50
C ASP A 75 -6.78 -44.66 25.79
N PHE A 76 -7.52 -43.87 26.55
CA PHE A 76 -8.27 -42.76 26.01
C PHE A 76 -7.32 -41.65 25.52
N THR A 77 -6.40 -41.21 26.39
CA THR A 77 -5.46 -40.16 26.02
C THR A 77 -4.62 -40.58 24.81
N THR A 78 -4.21 -41.83 24.77
CA THR A 78 -3.39 -42.36 23.68
C THR A 78 -4.17 -42.37 22.37
N ALA A 79 -5.44 -42.77 22.44
CA ALA A 79 -6.30 -42.79 21.24
C ALA A 79 -6.59 -41.38 20.69
N VAL A 80 -6.87 -40.42 21.57
CA VAL A 80 -7.22 -39.07 21.15
C VAL A 80 -5.97 -38.33 20.71
N ALA A 81 -4.87 -38.54 21.43
CA ALA A 81 -3.58 -38.00 20.99
C ALA A 81 -3.27 -38.46 19.57
N GLY A 82 -3.51 -39.73 19.30
CA GLY A 82 -3.38 -40.28 17.97
C GLY A 82 -4.25 -39.58 16.93
N GLU A 83 -5.46 -39.18 17.32
CA GLU A 83 -6.33 -38.44 16.41
C GLU A 83 -5.74 -37.08 16.10
N PHE A 84 -5.20 -36.40 17.11
CA PHE A 84 -4.54 -35.11 16.92
C PHE A 84 -3.38 -35.21 15.92
N LYS A 85 -2.55 -36.24 16.07
CA LYS A 85 -1.39 -36.44 15.19
C LYS A 85 -1.78 -36.71 13.75
N LYS A 86 -2.74 -37.61 13.59
CA LYS A 86 -3.33 -37.91 12.29
C LYS A 86 -3.85 -36.63 11.62
N CYS A 87 -4.56 -35.82 12.39
CA CYS A 87 -5.15 -34.58 11.90
C CYS A 87 -4.07 -33.60 11.42
N PHE A 88 -3.06 -33.38 12.26
CA PHE A 88 -1.97 -32.46 11.94
C PHE A 88 -1.10 -32.96 10.80
N GLU A 89 -0.95 -34.28 10.69
CA GLU A 89 -0.25 -34.87 9.55
C GLU A 89 -1.03 -34.57 8.27
N GLN A 90 -2.34 -34.80 8.30
CA GLN A 90 -3.18 -34.53 7.13
C GLN A 90 -3.15 -33.04 6.74
N MET A 91 -3.03 -32.17 7.74
CA MET A 91 -3.02 -30.73 7.50
C MET A 91 -1.72 -30.27 6.85
N ASP A 92 -0.69 -31.12 6.86
CA ASP A 92 0.53 -30.86 6.10
C ASP A 92 1.25 -29.65 6.70
N TYR A 93 1.40 -29.68 8.02
CA TYR A 93 2.26 -28.75 8.72
C TYR A 93 3.70 -29.18 8.60
N SER A 94 4.60 -28.33 9.06
CA SER A 94 6.01 -28.67 9.21
C SER A 94 6.43 -28.42 10.67
N ILE A 95 5.82 -29.17 11.58
CA ILE A 95 6.09 -29.08 13.02
C ILE A 95 7.27 -29.99 13.34
N ASP A 96 8.16 -29.55 14.21
CA ASP A 96 9.38 -30.32 14.46
C ASP A 96 9.16 -31.40 15.53
N TYR A 97 8.23 -31.18 16.45
CA TYR A 97 7.98 -32.18 17.48
C TYR A 97 6.58 -32.05 18.08
N PHE A 98 6.00 -33.21 18.36
CA PHE A 98 4.68 -33.32 18.96
C PHE A 98 4.84 -33.91 20.37
N ILE A 99 4.58 -33.10 21.40
CA ILE A 99 4.79 -33.51 22.79
C ILE A 99 3.47 -33.91 23.45
N ARG A 100 3.56 -34.84 24.38
CA ARG A 100 2.45 -35.34 25.17
C ARG A 100 2.88 -35.27 26.61
N THR A 101 2.04 -34.72 27.47
CA THR A 101 2.43 -34.54 28.86
C THR A 101 2.53 -35.85 29.64
N THR A 102 2.01 -36.94 29.07
CA THR A 102 2.23 -38.28 29.64
C THR A 102 3.65 -38.78 29.42
N ASN A 103 4.39 -38.13 28.54
CA ASN A 103 5.77 -38.51 28.28
C ASN A 103 6.59 -38.53 29.57
N GLU A 104 7.35 -39.59 29.74
CA GLU A 104 8.12 -39.80 30.95
C GLU A 104 9.17 -38.71 31.15
N GLN A 105 9.80 -38.25 30.06
CA GLN A 105 10.80 -37.18 30.17
C GLN A 105 10.17 -35.86 30.58
N HIS A 106 8.96 -35.59 30.07
CA HIS A 106 8.22 -34.42 30.52
C HIS A 106 7.97 -34.41 32.02
N LYS A 107 7.71 -35.57 32.60
CA LYS A 107 7.38 -35.66 34.02
C LYS A 107 8.61 -35.38 34.86
N ALA A 108 9.78 -35.81 34.37
CA ALA A 108 11.04 -35.48 35.00
C ALA A 108 11.29 -33.97 35.04
N VAL A 109 10.95 -33.30 33.95
CA VAL A 109 11.15 -31.86 33.83
C VAL A 109 10.23 -31.12 34.81
N VAL A 110 8.96 -31.50 34.82
CA VAL A 110 8.00 -30.96 35.79
C VAL A 110 8.53 -31.07 37.24
N LYS A 111 9.10 -32.22 37.60
CA LYS A 111 9.62 -32.41 38.96
C LYS A 111 10.84 -31.55 39.26
N GLU A 112 11.72 -31.39 38.28
CA GLU A 112 12.86 -30.49 38.43
C GLU A 112 12.39 -29.05 38.62
N LEU A 113 11.40 -28.62 37.85
CA LEU A 113 10.92 -27.25 37.96
C LEU A 113 10.24 -27.05 39.32
N TRP A 114 9.46 -28.02 39.74
CA TRP A 114 8.77 -27.90 41.03
C TRP A 114 9.79 -27.73 42.15
N THR A 115 10.79 -28.59 42.15
CA THR A 115 11.84 -28.57 43.18
C THR A 115 12.54 -27.21 43.23
N LYS A 116 12.72 -26.60 42.07
CA LYS A 116 13.30 -25.26 42.00
C LYS A 116 12.41 -24.24 42.67
N LEU A 117 11.12 -24.24 42.34
CA LEU A 117 10.21 -23.31 42.95
C LEU A 117 10.20 -23.50 44.47
N GLU A 118 10.23 -24.75 44.89
CA GLU A 118 10.18 -25.08 46.30
C GLU A 118 11.46 -24.64 47.00
N GLN A 119 12.61 -24.93 46.41
CA GLN A 119 13.91 -24.54 46.99
C GLN A 119 14.07 -23.03 47.04
N LYS A 120 13.53 -22.35 46.05
CA LYS A 120 13.51 -20.89 45.99
C LYS A 120 12.73 -20.26 47.15
N GLY A 121 11.83 -21.03 47.76
CA GLY A 121 10.98 -20.56 48.86
C GLY A 121 9.61 -20.09 48.38
N ASP A 122 9.25 -20.41 47.13
CA ASP A 122 8.03 -19.87 46.55
C ASP A 122 6.82 -20.81 46.59
N ILE A 123 6.96 -21.94 47.27
CA ILE A 123 5.85 -22.86 47.49
C ILE A 123 5.64 -23.22 48.96
N TYR A 124 4.41 -23.07 49.42
CA TYR A 124 4.03 -23.37 50.81
C TYR A 124 2.72 -24.14 50.84
N LEU A 125 2.51 -24.88 51.93
CA LEU A 125 1.25 -25.59 52.14
C LEU A 125 0.22 -24.61 52.63
N GLY A 126 -0.89 -24.51 51.90
CA GLY A 126 -2.03 -23.67 52.31
C GLY A 126 -3.36 -24.30 51.93
N ARG A 127 -4.37 -23.46 51.72
CA ARG A 127 -5.71 -23.89 51.31
C ARG A 127 -6.22 -23.02 50.18
N TYR A 128 -6.89 -23.64 49.22
CA TYR A 128 -7.76 -22.89 48.32
C TYR A 128 -9.19 -23.15 48.75
N GLU A 129 -9.94 -22.08 48.99
CA GLU A 129 -11.37 -22.17 49.20
C GLU A 129 -12.02 -21.22 48.20
N GLY A 130 -12.56 -21.75 47.13
CA GLY A 130 -13.11 -20.90 46.11
C GLY A 130 -13.65 -21.64 44.91
N TRP A 131 -14.03 -20.85 43.91
CA TRP A 131 -14.64 -21.36 42.71
C TRP A 131 -13.57 -21.90 41.77
N TYR A 132 -13.97 -22.89 40.98
CA TYR A 132 -13.07 -23.52 40.02
C TYR A 132 -13.87 -23.98 38.82
N SER A 133 -13.33 -23.74 37.62
CA SER A 133 -13.91 -24.29 36.39
C SER A 133 -13.10 -25.50 35.94
N ILE A 134 -13.73 -26.66 35.93
CA ILE A 134 -13.06 -27.90 35.56
C ILE A 134 -12.78 -27.94 34.06
N SER A 135 -13.75 -27.46 33.29
CA SER A 135 -13.61 -27.41 31.85
C SER A 135 -12.47 -26.52 31.39
N ASP A 136 -12.17 -25.46 32.15
CA ASP A 136 -11.03 -24.57 31.86
C ASP A 136 -9.82 -24.83 32.76
N GLU A 137 -9.99 -25.72 33.75
CA GLU A 137 -8.98 -25.98 34.79
C GLU A 137 -8.47 -24.68 35.41
N SER A 138 -9.41 -23.81 35.74
CA SER A 138 -9.11 -22.43 36.10
C SER A 138 -9.76 -22.02 37.42
N PHE A 139 -8.97 -21.39 38.28
CA PHE A 139 -9.47 -20.80 39.51
C PHE A 139 -10.07 -19.46 39.19
N LEU A 140 -11.19 -19.18 39.83
CA LEU A 140 -11.90 -17.95 39.62
C LEU A 140 -12.31 -17.31 40.94
N THR A 141 -12.27 -15.98 40.99
CA THR A 141 -12.83 -15.21 42.07
C THR A 141 -14.35 -15.09 41.87
N PRO A 142 -15.08 -14.72 42.93
CA PRO A 142 -16.54 -14.57 42.79
C PRO A 142 -16.99 -13.51 41.76
N GLN A 143 -16.12 -12.56 41.42
CA GLN A 143 -16.42 -11.55 40.40
C GLN A 143 -16.50 -12.17 39.00
N ASN A 144 -15.92 -13.35 38.83
CA ASN A 144 -15.84 -13.98 37.53
C ASN A 144 -16.76 -15.16 37.34
N ILE A 145 -17.85 -15.19 38.10
CA ILE A 145 -18.90 -16.20 37.95
C ILE A 145 -20.25 -15.50 37.98
N THR A 146 -21.28 -16.22 37.56
CA THR A 146 -22.62 -15.69 37.56
C THR A 146 -23.58 -16.87 37.52
N ASP A 147 -24.88 -16.60 37.34
CA ASP A 147 -25.89 -17.66 37.33
C ASP A 147 -26.08 -18.24 35.93
N GLY A 148 -26.27 -19.55 35.85
CA GLY A 148 -26.63 -20.22 34.61
C GLY A 148 -27.33 -21.54 34.90
N VAL A 149 -27.28 -22.46 33.95
CA VAL A 149 -27.84 -23.81 34.13
C VAL A 149 -26.92 -24.91 33.60
N ASP A 150 -27.13 -26.12 34.09
CA ASP A 150 -26.44 -27.33 33.57
C ASP A 150 -27.41 -28.11 32.66
N LYS A 151 -26.96 -29.25 32.13
CA LYS A 151 -27.78 -30.08 31.23
C LYS A 151 -29.15 -30.45 31.85
N ASP A 152 -29.17 -30.62 33.17
CA ASP A 152 -30.39 -30.95 33.91
C ASP A 152 -31.33 -29.76 34.05
N GLY A 153 -30.89 -28.59 33.61
CA GLY A 153 -31.69 -27.36 33.70
C GLY A 153 -31.72 -26.78 35.11
N ASN A 154 -31.03 -27.42 36.04
CA ASN A 154 -30.97 -26.92 37.41
C ASN A 154 -30.15 -25.64 37.47
N PRO A 155 -30.53 -24.71 38.36
CA PRO A 155 -29.73 -23.51 38.47
C PRO A 155 -28.34 -23.87 38.95
N CYS A 156 -27.33 -23.21 38.41
CA CYS A 156 -25.96 -23.42 38.83
C CYS A 156 -25.15 -22.16 38.57
N LYS A 157 -23.91 -22.19 39.03
CA LYS A 157 -22.98 -21.12 38.76
C LYS A 157 -22.13 -21.48 37.54
N VAL A 158 -21.87 -20.47 36.71
CA VAL A 158 -21.02 -20.63 35.54
C VAL A 158 -19.93 -19.58 35.53
N SER A 159 -18.85 -19.87 34.80
CA SER A 159 -17.78 -18.91 34.61
C SER A 159 -18.20 -17.76 33.70
N LEU A 160 -17.82 -16.55 34.07
CA LEU A 160 -18.04 -15.39 33.20
C LEU A 160 -17.16 -15.48 31.97
N GLU A 161 -15.92 -15.94 32.17
CA GLU A 161 -14.97 -16.18 31.06
C GLU A 161 -15.56 -17.08 29.99
N SER A 162 -16.01 -18.28 30.37
CA SER A 162 -16.29 -19.33 29.40
C SER A 162 -17.73 -19.82 29.33
N GLY A 163 -18.51 -19.56 30.38
CA GLY A 163 -19.87 -20.08 30.47
C GLY A 163 -19.96 -21.54 30.91
N HIS A 164 -18.84 -22.11 31.33
CA HIS A 164 -18.82 -23.48 31.81
C HIS A 164 -19.19 -23.55 33.29
N VAL A 165 -19.70 -24.70 33.70
CA VAL A 165 -20.14 -24.91 35.08
C VAL A 165 -18.95 -24.82 36.04
N VAL A 166 -19.11 -24.07 37.13
CA VAL A 166 -18.08 -23.92 38.16
C VAL A 166 -18.48 -24.63 39.45
N THR A 167 -17.50 -25.02 40.25
CA THR A 167 -17.71 -25.71 41.52
C THR A 167 -16.86 -25.11 42.64
N TRP A 168 -17.33 -25.26 43.87
CA TRP A 168 -16.63 -24.74 45.01
C TRP A 168 -15.65 -25.79 45.49
N VAL A 169 -14.40 -25.37 45.70
CA VAL A 169 -13.32 -26.25 46.09
C VAL A 169 -12.79 -25.78 47.44
N SER A 170 -12.61 -26.71 48.35
CA SER A 170 -12.01 -26.41 49.65
C SER A 170 -11.03 -27.51 49.96
N GLU A 171 -9.74 -27.23 49.72
CA GLU A 171 -8.69 -28.24 49.87
C GLU A 171 -7.43 -27.62 50.41
N GLU A 172 -6.74 -28.39 51.22
CA GLU A 172 -5.36 -28.12 51.56
C GLU A 172 -4.54 -28.34 50.28
N ASN A 173 -3.88 -27.30 49.81
CA ASN A 173 -3.10 -27.32 48.57
C ASN A 173 -1.74 -26.65 48.77
N TYR A 174 -0.75 -27.08 47.99
CA TYR A 174 0.49 -26.31 47.86
C TYR A 174 0.21 -25.06 47.03
N MET A 175 0.68 -23.94 47.54
CA MET A 175 0.40 -22.61 47.00
C MET A 175 1.70 -22.02 46.47
N PHE A 176 1.63 -21.41 45.29
CA PHE A 176 2.75 -20.69 44.72
C PHE A 176 2.58 -19.23 45.11
N ARG A 177 3.68 -18.58 45.47
CA ARG A 177 3.64 -17.19 45.94
C ARG A 177 3.51 -16.16 44.81
N LEU A 178 2.44 -16.26 44.04
CA LEU A 178 2.27 -15.40 42.88
C LEU A 178 2.15 -13.93 43.26
N SER A 179 1.56 -13.68 44.41
CA SER A 179 1.41 -12.31 44.93
C SER A 179 2.75 -11.58 45.04
N ALA A 180 3.82 -12.34 45.26
CA ALA A 180 5.15 -11.75 45.42
C ALA A 180 5.78 -11.31 44.10
N PHE A 181 5.16 -11.64 42.97
CA PHE A 181 5.76 -11.37 41.66
C PHE A 181 5.07 -10.24 40.89
N ARG A 182 4.15 -9.54 41.54
CA ARG A 182 3.42 -8.44 40.90
C ARG A 182 4.38 -7.38 40.34
N GLU A 183 5.22 -6.82 41.22
CA GLU A 183 6.15 -5.76 40.83
C GLU A 183 7.06 -6.17 39.68
N ARG A 184 7.63 -7.38 39.77
CA ARG A 184 8.55 -7.87 38.74
C ARG A 184 7.85 -8.13 37.40
N LEU A 185 6.63 -8.65 37.43
CA LEU A 185 5.83 -8.82 36.21
C LEU A 185 5.52 -7.48 35.57
N LEU A 186 5.17 -6.48 36.39
CA LEU A 186 4.91 -5.13 35.86
C LEU A 186 6.15 -4.52 35.23
N GLU A 187 7.31 -4.68 35.88
CA GLU A 187 8.60 -4.26 35.32
C GLU A 187 8.79 -4.90 33.95
N TRP A 188 8.54 -6.20 33.89
CA TRP A 188 8.69 -6.95 32.64
C TRP A 188 7.79 -6.42 31.52
N TYR A 189 6.51 -6.16 31.82
CA TYR A 189 5.59 -5.65 30.79
C TYR A 189 6.04 -4.27 30.26
N HIS A 190 6.44 -3.38 31.17
CA HIS A 190 6.87 -2.01 30.83
CA HIS A 190 6.83 -2.03 30.76
C HIS A 190 8.18 -1.98 30.05
N ALA A 191 9.09 -2.89 30.38
CA ALA A 191 10.41 -2.91 29.74
C ALA A 191 10.37 -3.59 28.39
N ASN A 192 9.38 -4.43 28.15
CA ASN A 192 9.25 -5.12 26.85
C ASN A 192 7.84 -4.93 26.33
N PRO A 193 7.57 -3.72 25.81
CA PRO A 193 6.22 -3.37 25.39
C PRO A 193 5.72 -4.12 24.16
N GLY A 194 6.55 -4.95 23.55
CA GLY A 194 6.09 -5.83 22.47
C GLY A 194 5.90 -7.27 22.91
N CYS A 195 6.05 -7.57 24.20
CA CYS A 195 6.07 -8.95 24.65
C CYS A 195 4.70 -9.64 24.59
N ILE A 196 3.63 -8.87 24.54
CA ILE A 196 2.30 -9.44 24.39
C ILE A 196 1.59 -8.79 23.21
N VAL A 197 1.03 -9.62 22.35
CA VAL A 197 0.37 -9.15 21.13
C VAL A 197 -1.00 -9.79 21.02
N PRO A 198 -2.02 -9.03 20.61
CA PRO A 198 -2.02 -7.62 20.22
C PRO A 198 -2.02 -6.69 21.41
N GLU A 199 -1.83 -5.41 21.17
CA GLU A 199 -1.56 -4.44 22.21
C GLU A 199 -2.69 -4.33 23.24
N PHE A 200 -3.94 -4.41 22.80
CA PHE A 200 -5.06 -4.33 23.75
C PHE A 200 -5.12 -5.52 24.74
N ARG A 201 -4.61 -6.69 24.36
CA ARG A 201 -4.53 -7.83 25.26
C ARG A 201 -3.41 -7.61 26.25
N ARG A 202 -2.33 -6.96 25.79
CA ARG A 202 -1.26 -6.53 26.68
C ARG A 202 -1.78 -5.57 27.75
N ARG A 203 -2.65 -4.64 27.33
CA ARG A 203 -3.24 -3.68 28.26
C ARG A 203 -4.13 -4.39 29.27
N GLU A 204 -4.85 -5.43 28.83
CA GLU A 204 -5.69 -6.23 29.74
C GLU A 204 -4.82 -6.86 30.83
N VAL A 205 -3.70 -7.44 30.43
CA VAL A 205 -2.85 -8.16 31.35
C VAL A 205 -2.29 -7.18 32.39
N ILE A 206 -1.84 -6.02 31.96
CA ILE A 206 -1.29 -5.02 32.87
C ILE A 206 -2.33 -4.56 33.88
N ARG A 207 -3.54 -4.24 33.41
CA ARG A 207 -4.62 -3.83 34.32
C ARG A 207 -4.89 -4.90 35.37
N ALA A 208 -4.93 -6.16 34.95
CA ALA A 208 -5.26 -7.26 35.84
C ALA A 208 -4.19 -7.41 36.91
N VAL A 209 -2.94 -7.30 36.52
CA VAL A 209 -1.83 -7.41 37.44
C VAL A 209 -1.70 -6.15 38.29
N GLU A 210 -1.98 -4.99 37.70
CA GLU A 210 -2.00 -3.75 38.48
C GLU A 210 -2.93 -3.88 39.70
N LYS A 211 -4.09 -4.50 39.53
CA LYS A 211 -5.05 -4.68 40.63
C LYS A 211 -4.50 -5.51 41.81
N GLY A 212 -3.57 -6.42 41.54
CA GLY A 212 -2.95 -7.23 42.58
C GLY A 212 -3.22 -8.69 42.30
N LEU A 213 -2.35 -9.54 42.84
CA LEU A 213 -2.41 -10.97 42.54
C LEU A 213 -2.54 -11.79 43.80
N PRO A 214 -3.46 -12.76 43.79
CA PRO A 214 -3.52 -13.72 44.87
C PRO A 214 -2.47 -14.82 44.63
N ASP A 215 -2.19 -15.61 45.65
CA ASP A 215 -1.34 -16.78 45.49
C ASP A 215 -2.12 -17.84 44.75
N LEU A 216 -1.40 -18.79 44.18
CA LEU A 216 -2.00 -19.72 43.24
C LEU A 216 -1.79 -21.16 43.71
N SER A 217 -2.88 -21.92 43.73
CA SER A 217 -2.83 -23.33 44.06
C SER A 217 -2.14 -24.08 42.94
N VAL A 218 -1.04 -24.77 43.27
CA VAL A 218 -0.29 -25.54 42.30
C VAL A 218 -0.28 -27.05 42.58
N SER A 219 -1.06 -27.49 43.58
CA SER A 219 -1.32 -28.92 43.80
C SER A 219 -2.81 -29.14 44.06
N ARG A 220 -3.24 -30.39 43.98
CA ARG A 220 -4.61 -30.79 44.33
C ARG A 220 -4.57 -32.13 45.05
N ALA A 221 -5.55 -32.40 45.90
CA ALA A 221 -5.65 -33.71 46.53
C ALA A 221 -5.83 -34.74 45.42
N ARG A 222 -5.16 -35.87 45.57
CA ARG A 222 -5.08 -36.83 44.48
C ARG A 222 -6.43 -37.43 44.08
N ALA A 223 -7.32 -37.62 45.06
CA ALA A 223 -8.64 -38.18 44.78
C ALA A 223 -9.44 -37.25 43.86
N THR A 224 -9.33 -35.95 44.08
CA THR A 224 -10.01 -34.98 43.23
C THR A 224 -9.65 -35.16 41.76
N LEU A 225 -8.42 -35.59 41.51
CA LEU A 225 -7.89 -35.77 40.16
C LEU A 225 -8.09 -37.17 39.58
N HIS A 226 -8.75 -38.06 40.31
CA HIS A 226 -8.87 -39.47 39.90
C HIS A 226 -7.50 -40.09 39.65
N ASN A 227 -6.51 -39.61 40.43
CA ASN A 227 -5.12 -40.04 40.31
C ASN A 227 -4.58 -40.02 38.87
N TRP A 228 -4.96 -39.00 38.12
CA TRP A 228 -4.50 -38.83 36.75
C TRP A 228 -3.73 -37.51 36.61
N ALA A 229 -2.52 -37.53 37.15
CA ALA A 229 -1.68 -36.35 37.22
C ALA A 229 -0.27 -36.73 37.71
N ILE A 230 0.61 -35.75 37.79
CA ILE A 230 1.99 -35.97 38.20
C ILE A 230 2.12 -35.77 39.71
N PRO A 231 2.56 -36.80 40.43
CA PRO A 231 2.71 -36.60 41.88
C PRO A 231 3.65 -35.45 42.22
N VAL A 232 3.28 -34.68 43.23
CA VAL A 232 4.18 -33.69 43.81
C VAL A 232 5.39 -34.42 44.38
N PRO A 233 6.61 -33.96 44.06
CA PRO A 233 7.82 -34.51 44.69
C PRO A 233 7.80 -34.35 46.20
N GLY A 234 7.99 -35.44 46.91
CA GLY A 234 7.99 -35.42 48.37
C GLY A 234 6.62 -35.49 49.02
N ASN A 235 5.55 -35.51 48.23
CA ASN A 235 4.22 -35.65 48.80
C ASN A 235 3.25 -36.36 47.84
N PRO A 236 3.20 -37.71 47.94
CA PRO A 236 2.37 -38.49 47.04
C PRO A 236 0.85 -38.34 47.23
N ASP A 237 0.41 -37.59 48.25
CA ASP A 237 -1.03 -37.34 48.45
C ASP A 237 -1.53 -36.19 47.55
N HIS A 238 -0.59 -35.43 46.97
CA HIS A 238 -0.90 -34.31 46.11
C HIS A 238 -0.47 -34.54 44.67
N VAL A 240 0.39 -32.40 40.96
CA VAL A 240 0.75 -31.10 40.43
C VAL A 240 -0.38 -30.53 39.58
N TYR A 241 -0.70 -29.26 39.83
CA TYR A 241 -1.71 -28.54 39.05
C TYR A 241 -1.48 -28.76 37.55
N VAL A 242 -2.53 -29.18 36.85
CA VAL A 242 -2.42 -29.48 35.43
C VAL A 242 -1.84 -28.34 34.61
N TRP A 243 -2.10 -27.10 35.00
CA TRP A 243 -1.53 -25.98 34.24
C TRP A 243 -0.02 -25.78 34.44
N LEU A 244 0.48 -26.06 35.64
CA LEU A 244 1.92 -25.97 35.88
C LEU A 244 2.62 -27.08 35.10
N ASP A 245 2.06 -28.28 35.15
CA ASP A 245 2.47 -29.41 34.32
C ASP A 245 2.42 -29.00 32.83
N ALA A 246 1.29 -28.45 32.38
CA ALA A 246 1.09 -28.11 30.97
C ALA A 246 2.10 -27.07 30.46
N LEU A 247 2.24 -25.97 31.19
CA LEU A 247 3.14 -24.90 30.77
C LEU A 247 4.56 -25.43 30.65
N THR A 248 4.94 -26.30 31.58
CA THR A 248 6.25 -26.91 31.55
C THR A 248 6.58 -27.59 30.21
N ASN A 249 5.58 -27.96 29.40
CA ASN A 249 5.86 -28.59 28.10
C ASN A 249 6.80 -27.77 27.23
N TYR A 250 6.75 -26.44 27.36
CA TYR A 250 7.65 -25.58 26.63
C TYR A 250 9.11 -25.78 27.09
N LEU A 251 9.33 -25.99 28.37
CA LEU A 251 10.69 -26.21 28.88
C LEU A 251 11.18 -27.59 28.43
N THR A 252 10.29 -28.57 28.53
CA THR A 252 10.60 -29.94 28.16
C THR A 252 10.96 -30.01 26.69
N GLY A 253 10.08 -29.51 25.84
CA GLY A 253 10.31 -29.44 24.41
C GLY A 253 11.65 -28.83 24.07
N SER A 254 12.04 -27.77 24.80
CA SER A 254 13.32 -27.12 24.55
C SER A 254 14.53 -28.00 24.87
N ARG A 255 14.31 -29.09 25.62
CA ARG A 255 15.39 -29.97 26.13
C ARG A 255 15.40 -31.37 25.51
N LEU A 256 14.58 -31.59 24.49
CA LEU A 256 14.48 -32.91 23.86
C LEU A 256 15.27 -32.97 22.57
N ARG A 257 16.11 -34.00 22.45
CA ARG A 257 16.74 -34.35 21.18
C ARG A 257 15.82 -35.29 20.43
N VAL A 258 15.55 -34.94 19.18
CA VAL A 258 14.53 -35.60 18.36
C VAL A 258 15.19 -36.20 17.12
N ASP A 259 14.92 -37.47 16.83
CA ASP A 259 15.48 -38.16 15.65
C ASP A 259 14.71 -37.82 14.36
N GLU A 260 15.15 -38.38 13.24
CA GLU A 260 14.61 -38.02 11.91
C GLU A 260 13.13 -38.37 11.74
N SER A 261 12.70 -39.48 12.34
CA SER A 261 11.29 -39.88 12.31
C SER A 261 10.41 -39.11 13.32
N GLY A 262 11.01 -38.23 14.11
CA GLY A 262 10.26 -37.37 15.03
C GLY A 262 10.07 -37.93 16.43
N LYS A 263 10.75 -39.03 16.73
CA LYS A 263 10.72 -39.62 18.07
C LYS A 263 11.73 -38.93 18.96
N GLU A 264 11.35 -38.65 20.20
CA GLU A 264 12.27 -38.11 21.19
C GLU A 264 13.21 -39.23 21.63
N VAL A 265 14.50 -38.91 21.69
CA VAL A 265 15.50 -39.91 22.05
C VAL A 265 16.36 -39.55 23.26
N SER A 266 16.29 -38.31 23.74
CA SER A 266 17.11 -37.90 24.87
C SER A 266 16.66 -36.61 25.51
N LEU A 267 16.79 -36.53 26.83
CA LEU A 267 16.51 -35.31 27.57
C LEU A 267 17.82 -34.73 28.07
N VAL A 268 18.18 -33.54 27.60
CA VAL A 268 19.41 -32.89 28.08
C VAL A 268 19.17 -32.24 29.44
N ASP A 269 20.23 -32.10 30.23
CA ASP A 269 20.14 -31.55 31.58
C ASP A 269 19.89 -30.05 31.56
N ASP A 270 20.50 -29.38 30.60
CA ASP A 270 20.59 -27.93 30.58
C ASP A 270 20.07 -27.46 29.22
N PHE A 271 19.04 -26.63 29.23
CA PHE A 271 18.39 -26.16 28.00
C PHE A 271 19.38 -25.42 27.06
N ASN A 272 20.38 -24.74 27.61
CA ASN A 272 21.37 -24.04 26.79
C ASN A 272 22.01 -24.96 25.75
N GLU A 273 22.14 -26.23 26.10
CA GLU A 273 22.73 -27.24 25.21
C GLU A 273 22.06 -27.31 23.84
N LEU A 274 20.74 -27.10 23.79
CA LEU A 274 20.01 -27.14 22.52
C LEU A 274 19.63 -25.76 21.97
N GLU A 275 19.85 -24.72 22.78
CA GLU A 275 19.72 -23.31 22.34
C GLU A 275 18.30 -22.90 21.88
N ARG A 276 17.27 -23.54 22.45
CA ARG A 276 15.89 -23.20 22.10
C ARG A 276 15.26 -22.26 23.11
N PHE A 277 15.45 -22.55 24.39
CA PHE A 277 14.74 -21.82 25.44
C PHE A 277 15.38 -20.45 25.64
N PRO A 278 14.58 -19.40 25.88
CA PRO A 278 13.13 -19.34 25.99
C PRO A 278 12.49 -19.14 24.64
N ALA A 279 11.19 -19.39 24.56
CA ALA A 279 10.49 -19.30 23.30
C ALA A 279 10.52 -17.89 22.79
N ASP A 280 10.74 -17.78 21.50
CA ASP A 280 10.71 -16.52 20.80
C ASP A 280 9.27 -16.12 20.56
N VAL A 281 8.42 -17.09 20.24
CA VAL A 281 6.96 -16.84 20.19
C VAL A 281 6.13 -17.98 20.79
N HIS A 282 5.22 -17.63 21.70
CA HIS A 282 4.19 -18.54 22.16
C HIS A 282 2.89 -18.13 21.47
N VAL A 283 2.36 -18.98 20.59
CA VAL A 283 1.05 -18.72 19.96
C VAL A 283 0.00 -19.28 20.90
N ILE A 284 -0.98 -18.45 21.27
CA ILE A 284 -2.12 -18.93 22.05
C ILE A 284 -3.42 -18.32 21.57
N GLY A 285 -4.53 -18.88 22.05
CA GLY A 285 -5.85 -18.26 21.91
C GLY A 285 -6.11 -17.37 23.10
N LYS A 286 -7.04 -16.44 22.97
CA LYS A 286 -7.32 -15.44 24.02
C LYS A 286 -7.80 -16.07 25.32
N ASP A 287 -8.44 -17.23 25.24
CA ASP A 287 -8.93 -17.92 26.43
C ASP A 287 -7.88 -18.36 27.44
N ILE A 288 -6.60 -18.40 27.07
CA ILE A 288 -5.57 -18.87 27.99
C ILE A 288 -4.47 -17.85 28.25
N LEU A 289 -4.82 -16.58 28.11
CA LEU A 289 -3.87 -15.49 28.27
C LEU A 289 -3.24 -15.44 29.65
N LYS A 290 -4.03 -15.58 30.71
CA LYS A 290 -3.50 -15.41 32.06
C LYS A 290 -2.43 -16.43 32.42
N PHE A 291 -2.61 -17.67 31.93
CA PHE A 291 -1.68 -18.75 32.26
C PHE A 291 -0.29 -18.44 31.66
N HIS A 292 -0.28 -17.88 30.45
CA HIS A 292 0.94 -17.61 29.71
C HIS A 292 1.58 -16.26 30.01
N ALA A 293 0.77 -15.25 30.33
CA ALA A 293 1.28 -13.90 30.49
C ALA A 293 1.46 -13.50 31.95
N ILE A 294 0.90 -14.27 32.87
CA ILE A 294 1.03 -14.03 34.31
C ILE A 294 1.70 -15.20 35.03
N TYR A 295 1.11 -16.40 34.95
CA TYR A 295 1.58 -17.54 35.76
C TYR A 295 2.95 -17.99 35.29
N TRP A 296 3.05 -18.19 33.99
CA TRP A 296 4.25 -18.71 33.38
C TRP A 296 5.48 -17.85 33.69
N PRO A 297 5.46 -16.54 33.38
CA PRO A 297 6.64 -15.73 33.69
C PRO A 297 6.95 -15.67 35.17
N ALA A 298 5.91 -15.74 36.01
CA ALA A 298 6.09 -15.80 37.44
C ALA A 298 6.85 -17.05 37.89
N PHE A 299 6.52 -18.20 37.29
CA PHE A 299 7.25 -19.45 37.58
C PHE A 299 8.69 -19.38 37.12
N LEU A 300 8.90 -18.76 35.96
CA LEU A 300 10.26 -18.64 35.43
C LEU A 300 11.09 -17.70 36.29
N LEU A 301 10.49 -16.59 36.71
CA LEU A 301 11.19 -15.64 37.57
C LEU A 301 11.59 -16.36 38.86
N SER A 302 10.67 -17.12 39.44
CA SER A 302 10.96 -17.90 40.65
C SER A 302 12.12 -18.86 40.42
N ALA A 303 12.03 -19.63 39.33
CA ALA A 303 13.02 -20.66 39.02
C ALA A 303 14.31 -20.09 38.47
N GLY A 304 14.32 -18.81 38.12
CA GLY A 304 15.49 -18.20 37.53
C GLY A 304 15.73 -18.67 36.12
N LEU A 305 14.65 -18.81 35.34
CA LEU A 305 14.74 -19.17 33.94
C LEU A 305 14.44 -17.94 33.10
N PRO A 306 15.01 -17.89 31.89
CA PRO A 306 14.74 -16.72 31.06
C PRO A 306 13.28 -16.71 30.58
N LEU A 307 12.76 -15.50 30.32
CA LEU A 307 11.37 -15.34 29.96
C LEU A 307 11.21 -15.36 28.45
N PRO A 308 10.01 -15.77 27.98
CA PRO A 308 9.73 -15.72 26.55
C PRO A 308 9.78 -14.29 26.00
N LYS A 309 9.95 -14.17 24.69
CA LYS A 309 10.09 -12.85 24.07
C LYS A 309 8.75 -12.30 23.68
N LYS A 310 7.85 -13.15 23.22
CA LYS A 310 6.58 -12.73 22.67
C LYS A 310 5.50 -13.77 22.98
N ILE A 311 4.36 -13.29 23.45
CA ILE A 311 3.15 -14.09 23.51
C ILE A 311 2.13 -13.45 22.56
N VAL A 312 1.69 -14.20 21.56
CA VAL A 312 0.67 -13.68 20.68
C VAL A 312 -0.63 -14.46 20.89
N ALA A 313 -1.70 -13.72 21.17
CA ALA A 313 -2.99 -14.29 21.47
C ALA A 313 -3.97 -13.89 20.39
N HIS A 314 -4.41 -14.88 19.62
CA HIS A 314 -5.34 -14.65 18.52
C HIS A 314 -6.77 -14.62 19.03
N GLY A 315 -7.71 -14.26 18.15
CA GLY A 315 -9.09 -14.02 18.53
C GLY A 315 -9.97 -15.24 18.61
N TRP A 316 -9.49 -16.38 18.14
CA TRP A 316 -10.24 -17.61 18.28
C TRP A 316 -10.16 -18.14 19.71
N TRP A 317 -11.11 -19.00 20.06
CA TRP A 317 -11.05 -19.79 21.28
C TRP A 317 -10.18 -21.02 21.01
N THR A 318 -9.18 -21.25 21.85
CA THR A 318 -8.41 -22.49 21.81
C THR A 318 -9.35 -23.71 21.79
N LYS A 319 -10.51 -23.61 22.45
CA LYS A 319 -11.48 -24.72 22.53
C LYS A 319 -12.93 -24.24 22.71
N ASP A 320 -13.83 -24.69 21.82
CA ASP A 320 -15.24 -24.29 21.81
C ASP A 320 -16.13 -25.52 21.94
N SER A 327 -22.28 -29.40 19.90
CA SER A 327 -22.54 -28.57 18.72
C SER A 327 -24.05 -28.43 18.46
N LEU A 328 -24.50 -27.21 18.20
CA LEU A 328 -25.92 -26.91 17.96
C LEU A 328 -26.21 -26.74 16.47
N GLY A 329 -25.88 -27.76 15.68
CA GLY A 329 -26.14 -27.75 14.25
C GLY A 329 -25.29 -26.74 13.47
N ASN A 330 -24.02 -26.62 13.85
CA ASN A 330 -23.06 -25.77 13.13
C ASN A 330 -21.66 -26.42 13.13
N VAL A 331 -21.16 -26.75 11.94
CA VAL A 331 -19.91 -27.48 11.79
C VAL A 331 -19.00 -26.82 10.75
N PHE A 332 -17.69 -26.87 11.02
CA PHE A 332 -16.66 -26.51 10.06
C PHE A 332 -15.54 -27.54 10.20
N ASP A 333 -15.56 -28.56 9.35
CA ASP A 333 -14.56 -29.64 9.40
C ASP A 333 -13.33 -29.24 8.58
N PRO A 334 -12.15 -29.19 9.23
CA PRO A 334 -10.96 -28.71 8.54
C PRO A 334 -10.60 -29.53 7.30
N VAL A 335 -10.61 -30.85 7.44
CA VAL A 335 -10.27 -31.74 6.34
C VAL A 335 -11.32 -31.71 5.22
N GLU A 336 -12.60 -31.75 5.55
CA GLU A 336 -13.65 -31.68 4.51
C GLU A 336 -13.51 -30.40 3.69
N LYS A 337 -13.27 -29.28 4.37
CA LYS A 337 -13.10 -28.01 3.66
C LYS A 337 -11.85 -28.04 2.79
N ALA A 338 -10.78 -28.61 3.31
CA ALA A 338 -9.52 -28.65 2.57
C ALA A 338 -9.58 -29.58 1.37
N GLU A 339 -10.28 -30.70 1.51
CA GLU A 339 -10.51 -31.60 0.37
C GLU A 339 -11.43 -30.97 -0.67
N GLU A 340 -12.32 -30.10 -0.21
CA GLU A 340 -13.26 -29.40 -1.11
C GLU A 340 -12.60 -28.23 -1.84
N PHE A 341 -11.85 -27.40 -1.10
CA PHE A 341 -11.28 -26.17 -1.66
C PHE A 341 -9.76 -26.18 -1.81
N GLY A 342 -9.09 -27.18 -1.23
CA GLY A 342 -7.63 -27.23 -1.26
C GLY A 342 -7.02 -26.84 0.07
N TYR A 343 -5.90 -27.47 0.40
CA TYR A 343 -5.24 -27.28 1.68
C TYR A 343 -4.59 -25.90 1.82
N ASP A 344 -3.91 -25.45 0.78
CA ASP A 344 -3.26 -24.15 0.84
C ASP A 344 -4.28 -23.01 0.81
N ALA A 345 -5.33 -23.16 0.01
CA ALA A 345 -6.41 -22.19 -0.07
C ALA A 345 -7.12 -22.00 1.27
N LEU A 346 -7.41 -23.11 1.94
CA LEU A 346 -8.04 -23.07 3.26
C LEU A 346 -7.16 -22.35 4.28
N LYS A 347 -5.88 -22.67 4.28
CA LYS A 347 -4.91 -22.03 5.13
C LYS A 347 -4.82 -20.54 4.82
N TYR A 348 -4.77 -20.21 3.52
CA TYR A 348 -4.76 -18.81 3.09
C TYR A 348 -5.99 -18.11 3.66
N PHE A 349 -7.14 -18.74 3.48
CA PHE A 349 -8.39 -18.11 3.88
C PHE A 349 -8.45 -17.86 5.38
N LEU A 350 -8.15 -18.88 6.17
CA LEU A 350 -8.15 -18.73 7.61
C LEU A 350 -7.25 -17.59 8.07
N LEU A 351 -6.06 -17.48 7.48
CA LEU A 351 -5.10 -16.45 7.89
C LEU A 351 -5.39 -15.07 7.30
N ARG A 352 -6.00 -15.03 6.11
CA ARG A 352 -6.40 -13.78 5.50
C ARG A 352 -7.62 -13.18 6.19
N GLU A 353 -8.57 -14.04 6.59
CA GLU A 353 -9.88 -13.57 7.02
C GLU A 353 -9.91 -13.07 8.46
N SER A 354 -9.08 -13.68 9.29
CA SER A 354 -9.07 -13.42 10.73
C SER A 354 -7.88 -12.59 11.16
N GLY A 355 -8.15 -11.42 11.71
CA GLY A 355 -7.15 -10.69 12.48
C GLY A 355 -7.30 -11.10 13.93
N PHE A 356 -7.01 -10.17 14.83
CA PHE A 356 -7.10 -10.45 16.26
C PHE A 356 -8.50 -10.22 16.78
N SER A 357 -9.47 -10.93 16.19
CA SER A 357 -10.88 -10.75 16.51
C SER A 357 -11.77 -11.91 16.02
N ASP A 358 -13.04 -11.88 16.43
CA ASP A 358 -14.04 -12.84 16.00
C ASP A 358 -14.93 -12.28 14.88
N ASP A 359 -14.49 -11.14 14.32
CA ASP A 359 -15.24 -10.43 13.27
C ASP A 359 -15.26 -11.10 11.90
N GLY A 360 -14.66 -12.29 11.79
CA GLY A 360 -14.47 -12.94 10.49
C GLY A 360 -15.71 -13.64 9.94
N ASP A 361 -15.84 -13.55 8.61
CA ASP A 361 -16.91 -14.21 7.88
C ASP A 361 -16.35 -15.50 7.28
N TYR A 362 -16.72 -16.65 7.84
CA TYR A 362 -16.22 -17.96 7.41
C TYR A 362 -17.22 -18.78 6.60
N SER A 363 -18.18 -18.10 5.99
CA SER A 363 -19.14 -18.75 5.12
C SER A 363 -18.48 -19.33 3.89
N ASP A 364 -19.14 -20.29 3.23
CA ASP A 364 -18.69 -20.79 1.94
C ASP A 364 -18.72 -19.70 0.88
N LYS A 365 -19.64 -18.76 1.02
CA LYS A 365 -19.76 -17.66 0.08
C LYS A 365 -18.48 -16.84 0.12
N ASN A 366 -18.05 -16.47 1.32
CA ASN A 366 -16.84 -15.69 1.47
C ASN A 366 -15.57 -16.45 1.09
N MET A 367 -15.53 -17.75 1.36
CA MET A 367 -14.40 -18.57 0.98
C MET A 367 -14.22 -18.60 -0.53
N ILE A 368 -15.31 -18.78 -1.25
CA ILE A 368 -15.27 -18.79 -2.72
C ILE A 368 -14.84 -17.42 -3.23
N ALA A 369 -15.37 -16.34 -2.66
CA ALA A 369 -14.96 -14.99 -3.06
C ALA A 369 -13.46 -14.76 -2.94
N ARG A 370 -12.87 -15.18 -1.83
CA ARG A 370 -11.42 -14.97 -1.66
C ARG A 370 -10.60 -15.91 -2.54
N LEU A 371 -11.05 -17.15 -2.67
CA LEU A 371 -10.42 -18.10 -3.58
C LEU A 371 -10.44 -17.54 -5.02
N ASN A 372 -11.64 -17.25 -5.53
CA ASN A 372 -11.78 -16.72 -6.88
C ASN A 372 -11.12 -15.35 -7.08
N GLY A 373 -11.21 -14.50 -6.07
CA GLY A 373 -10.82 -13.11 -6.20
C GLY A 373 -9.33 -12.92 -6.06
N GLU A 374 -8.78 -13.42 -4.96
CA GLU A 374 -7.38 -13.19 -4.64
C GLU A 374 -6.46 -14.27 -5.22
N LEU A 375 -6.73 -15.55 -4.94
CA LEU A 375 -5.82 -16.60 -5.39
C LEU A 375 -5.95 -16.91 -6.91
N ALA A 376 -7.16 -17.02 -7.42
CA ALA A 376 -7.35 -17.35 -8.85
C ALA A 376 -7.15 -16.14 -9.76
N ASP A 377 -7.97 -15.10 -9.55
CA ASP A 377 -7.91 -13.88 -10.38
C ASP A 377 -6.67 -13.03 -10.18
N THR A 378 -6.21 -12.84 -8.95
CA THR A 378 -5.08 -11.93 -8.76
C THR A 378 -3.74 -12.64 -8.92
N LEU A 379 -3.55 -13.77 -8.23
CA LEU A 379 -2.27 -14.51 -8.26
C LEU A 379 -2.17 -15.51 -9.42
N GLY A 380 -3.15 -16.39 -9.55
CA GLY A 380 -3.10 -17.44 -10.56
C GLY A 380 -3.03 -16.88 -11.97
N ASN A 381 -3.90 -15.92 -12.25
CA ASN A 381 -3.90 -15.29 -13.55
C ASN A 381 -2.55 -14.65 -13.90
N LEU A 382 -1.94 -14.02 -12.91
CA LEU A 382 -0.65 -13.37 -13.12
C LEU A 382 0.44 -14.38 -13.43
N VAL A 383 0.43 -15.51 -12.73
CA VAL A 383 1.41 -16.55 -12.99
C VAL A 383 1.24 -17.12 -14.40
N MET A 384 0.00 -17.35 -14.80
CA MET A 384 -0.27 -17.92 -16.13
C MET A 384 0.15 -16.95 -17.22
N ARG A 385 -0.13 -15.67 -17.04
CA ARG A 385 0.21 -14.66 -18.06
C ARG A 385 1.72 -14.55 -18.31
N CYS A 386 2.51 -14.48 -17.25
CA CYS A 386 3.95 -14.31 -17.42
C CYS A 386 4.66 -15.61 -17.83
N THR A 387 3.98 -16.74 -17.80
CA THR A 387 4.52 -18.01 -18.31
C THR A 387 3.82 -18.52 -19.59
N SER A 388 2.78 -17.84 -20.03
CA SER A 388 2.03 -18.26 -21.21
C SER A 388 2.91 -18.30 -22.45
N ALA A 389 2.72 -19.33 -23.27
CA ALA A 389 3.43 -19.44 -24.54
C ALA A 389 3.14 -18.23 -25.42
N LYS A 390 1.92 -17.71 -25.30
CA LYS A 390 1.48 -16.55 -26.08
C LYS A 390 2.32 -15.30 -25.79
N ILE A 391 2.65 -15.08 -24.54
CA ILE A 391 3.33 -13.85 -24.13
C ILE A 391 4.83 -14.07 -23.99
N ASN A 392 5.19 -15.11 -23.26
CA ASN A 392 6.58 -15.54 -23.12
C ASN A 392 6.92 -16.57 -24.20
N VAL A 393 7.22 -16.07 -25.40
CA VAL A 393 7.35 -16.94 -26.57
C VAL A 393 8.57 -17.85 -26.49
N ASN A 394 9.61 -17.40 -25.79
CA ASN A 394 10.84 -18.18 -25.67
C ASN A 394 10.95 -18.99 -24.38
N GLY A 395 9.91 -18.94 -23.54
CA GLY A 395 9.87 -19.73 -22.31
C GLY A 395 11.12 -19.53 -21.46
N GLU A 396 11.50 -18.28 -21.28
CA GLU A 396 12.66 -17.94 -20.46
C GLU A 396 12.44 -16.61 -19.74
N TRP A 397 13.28 -16.34 -18.75
CA TRP A 397 13.37 -15.02 -18.16
C TRP A 397 14.15 -14.15 -19.11
N PRO A 398 13.50 -13.10 -19.67
CA PRO A 398 14.23 -12.28 -20.62
C PRO A 398 15.11 -11.28 -19.91
N SER A 399 16.01 -10.69 -20.67
CA SER A 399 16.90 -9.65 -20.19
C SER A 399 16.21 -8.30 -20.41
N PRO A 400 16.08 -7.48 -19.35
CA PRO A 400 15.34 -6.23 -19.48
C PRO A 400 16.08 -5.14 -20.23
N ALA A 401 15.32 -4.34 -20.97
CA ALA A 401 15.83 -3.12 -21.59
C ALA A 401 15.80 -1.99 -20.56
N ALA A 402 15.80 -0.73 -21.00
CA ALA A 402 15.77 0.39 -20.04
C ALA A 402 14.39 0.56 -19.42
N TYR A 403 14.40 0.97 -18.16
CA TYR A 403 13.19 1.09 -17.37
C TYR A 403 12.58 2.46 -17.53
N THR A 404 11.26 2.52 -17.71
CA THR A 404 10.51 3.78 -17.64
C THR A 404 10.19 4.11 -16.19
N GLU A 405 9.69 5.31 -15.94
CA GLU A 405 9.27 5.71 -14.60
C GLU A 405 8.20 4.78 -14.02
N GLU A 406 7.25 4.39 -14.87
CA GLU A 406 6.20 3.48 -14.45
C GLU A 406 6.80 2.12 -14.10
N ASP A 407 7.80 1.67 -14.86
CA ASP A 407 8.52 0.43 -14.54
C ASP A 407 9.13 0.53 -13.16
N GLU A 408 9.81 1.65 -12.93
CA GLU A 408 10.51 1.88 -11.68
C GLU A 408 9.59 1.99 -10.47
N SER A 409 8.41 2.58 -10.65
CA SER A 409 7.48 2.68 -9.54
C SER A 409 7.13 1.27 -9.06
N LEU A 410 6.84 0.36 -10.00
CA LEU A 410 6.56 -1.01 -9.65
C LEU A 410 7.74 -1.75 -9.03
N ILE A 411 8.94 -1.50 -9.56
CA ILE A 411 10.16 -2.14 -9.07
C ILE A 411 10.39 -1.74 -7.62
N GLN A 412 10.12 -0.48 -7.33
CA GLN A 412 10.32 0.05 -6.00
C GLN A 412 9.37 -0.63 -5.03
N LEU A 413 8.12 -0.85 -5.46
CA LEU A 413 7.16 -1.53 -4.59
C LEU A 413 7.66 -2.93 -4.27
N ILE A 414 8.20 -3.61 -5.28
CA ILE A 414 8.73 -4.95 -5.12
C ILE A 414 9.96 -4.99 -4.21
N LYS A 415 10.83 -4.00 -4.33
CA LYS A 415 12.02 -3.95 -3.50
C LYS A 415 11.67 -3.65 -2.06
N ASP A 416 10.63 -2.84 -1.85
CA ASP A 416 10.19 -2.50 -0.51
C ASP A 416 9.44 -3.64 0.18
N LEU A 417 8.83 -4.52 -0.61
CA LEU A 417 7.93 -5.52 -0.05
C LEU A 417 8.55 -6.45 1.01
N PRO A 418 9.76 -6.97 0.76
CA PRO A 418 10.36 -7.85 1.76
C PRO A 418 10.48 -7.21 3.14
N GLY A 419 11.01 -5.99 3.20
CA GLY A 419 11.20 -5.32 4.47
C GLY A 419 9.90 -5.12 5.21
N THR A 420 8.82 -4.95 4.45
CA THR A 420 7.51 -4.66 5.03
C THR A 420 6.86 -5.93 5.57
N ALA A 421 6.82 -6.96 4.76
CA ALA A 421 6.25 -8.24 5.16
C ALA A 421 7.05 -8.84 6.33
N ASP A 422 8.35 -8.65 6.30
CA ASP A 422 9.21 -9.12 7.38
C ASP A 422 8.77 -8.55 8.71
N HIS A 423 8.56 -7.23 8.74
CA HIS A 423 8.09 -6.59 9.96
C HIS A 423 6.77 -7.20 10.42
N TYR A 424 5.84 -7.39 9.49
CA TYR A 424 4.53 -7.93 9.86
C TYR A 424 4.66 -9.35 10.39
N TYR A 425 5.44 -10.18 9.71
CA TYR A 425 5.72 -11.54 10.18
C TYR A 425 6.31 -11.59 11.58
N LEU A 426 7.09 -10.58 11.95
CA LEU A 426 7.77 -10.56 13.25
C LEU A 426 6.94 -9.96 14.37
N ILE A 427 5.80 -9.34 14.04
CA ILE A 427 4.97 -8.73 15.08
C ILE A 427 4.55 -9.78 16.13
N PRO A 428 3.92 -10.90 15.72
CA PRO A 428 3.55 -11.28 14.36
C PRO A 428 2.12 -10.96 14.02
N ASP A 429 1.90 -10.55 12.79
CA ASP A 429 0.56 -10.27 12.28
C ASP A 429 0.54 -10.74 10.83
N ILE A 430 0.22 -12.01 10.66
CA ILE A 430 0.25 -12.71 9.37
C ILE A 430 -0.76 -12.15 8.38
N GLN A 431 -1.92 -11.75 8.89
CA GLN A 431 -2.93 -11.13 8.04
C GLN A 431 -2.36 -9.91 7.32
N LYS A 432 -1.65 -9.04 8.06
CA LYS A 432 -1.07 -7.84 7.46
C LYS A 432 0.02 -8.19 6.46
N ALA A 433 0.80 -9.20 6.76
CA ALA A 433 1.83 -9.66 5.84
C ALA A 433 1.19 -10.13 4.52
N ILE A 434 0.10 -10.87 4.61
CA ILE A 434 -0.63 -11.30 3.41
C ILE A 434 -1.19 -10.12 2.63
N ILE A 435 -1.85 -9.21 3.32
CA ILE A 435 -2.45 -8.07 2.65
C ILE A 435 -1.38 -7.24 1.93
N ALA A 436 -0.19 -7.12 2.52
CA ALA A 436 0.90 -6.35 1.91
C ALA A 436 1.38 -6.99 0.61
N VAL A 437 1.60 -8.30 0.64
CA VAL A 437 1.99 -9.02 -0.55
C VAL A 437 0.93 -8.88 -1.63
N PHE A 438 -0.35 -9.06 -1.28
CA PHE A 438 -1.40 -8.97 -2.31
C PHE A 438 -1.59 -7.57 -2.87
N ASP A 439 -1.30 -6.55 -2.06
CA ASP A 439 -1.28 -5.17 -2.54
C ASP A 439 -0.30 -5.05 -3.68
N VAL A 440 0.83 -5.73 -3.55
CA VAL A 440 1.84 -5.69 -4.60
C VAL A 440 1.40 -6.51 -5.81
N LEU A 441 0.76 -7.66 -5.58
CA LEU A 441 0.23 -8.45 -6.67
C LEU A 441 -0.81 -7.65 -7.46
N ARG A 442 -1.64 -6.89 -6.76
CA ARG A 442 -2.63 -6.03 -7.40
C ARG A 442 -1.94 -4.97 -8.28
N ALA A 443 -0.86 -4.38 -7.76
CA ALA A 443 -0.10 -3.40 -8.51
C ALA A 443 0.57 -4.02 -9.74
N ILE A 444 1.05 -5.26 -9.61
CA ILE A 444 1.64 -5.93 -10.75
C ILE A 444 0.59 -6.17 -11.82
N ASN A 445 -0.62 -6.57 -11.43
CA ASN A 445 -1.70 -6.77 -12.40
C ASN A 445 -2.05 -5.50 -13.14
N ALA A 446 -2.09 -4.38 -12.40
CA ALA A 446 -2.49 -3.10 -13.00
C ALA A 446 -1.43 -2.69 -14.02
N TYR A 447 -0.17 -2.84 -13.64
CA TYR A 447 0.93 -2.65 -14.57
C TYR A 447 0.77 -3.47 -15.85
N VAL A 448 0.42 -4.74 -15.69
CA VAL A 448 0.34 -5.66 -16.82
C VAL A 448 -0.79 -5.18 -17.73
N THR A 449 -1.94 -4.90 -17.16
CA THR A 449 -3.06 -4.32 -17.90
C THR A 449 -2.66 -3.05 -18.66
N ASP A 450 -1.87 -2.22 -18.01
CA ASP A 450 -1.42 -0.95 -18.56
C ASP A 450 -0.56 -1.17 -19.79
N MET A 451 0.35 -2.14 -19.70
CA MET A 451 1.31 -2.39 -20.77
C MET A 451 0.80 -3.28 -21.91
N ALA A 452 -0.27 -4.04 -21.64
CA ALA A 452 -0.86 -4.95 -22.63
C ALA A 452 0.19 -5.78 -23.38
N PRO A 453 1.01 -6.55 -22.63
CA PRO A 453 2.12 -7.32 -23.22
C PRO A 453 1.71 -8.28 -24.34
N TRP A 454 0.47 -8.76 -24.33
CA TRP A 454 -0.07 -9.50 -25.46
C TRP A 454 0.06 -8.71 -26.77
N LYS A 455 -0.22 -7.41 -26.73
CA LYS A 455 -0.04 -6.55 -27.90
C LYS A 455 1.44 -6.35 -28.27
N LEU A 456 2.31 -6.31 -27.26
CA LEU A 456 3.73 -6.00 -27.46
C LEU A 456 4.50 -7.08 -28.23
N VAL A 457 4.11 -8.34 -28.05
CA VAL A 457 4.74 -9.46 -28.76
C VAL A 457 4.90 -9.14 -30.23
N LYS A 458 3.82 -8.67 -30.85
CA LYS A 458 3.83 -8.29 -32.25
C LYS A 458 4.51 -6.94 -32.51
N THR A 459 4.29 -5.97 -31.63
CA THR A 459 4.68 -4.59 -31.89
C THR A 459 6.07 -4.19 -31.43
N ASP A 460 6.39 -4.45 -30.16
CA ASP A 460 7.67 -4.01 -29.59
C ASP A 460 8.27 -5.13 -28.74
N PRO A 461 8.95 -6.09 -29.39
CA PRO A 461 9.53 -7.20 -28.64
C PRO A 461 10.50 -6.75 -27.58
N GLU A 462 11.22 -5.67 -27.84
CA GLU A 462 12.19 -5.13 -26.87
C GLU A 462 11.50 -4.58 -25.63
N ARG A 463 10.39 -3.88 -25.81
CA ARG A 463 9.61 -3.39 -24.67
C ARG A 463 9.07 -4.57 -23.85
N LEU A 464 8.53 -5.57 -24.54
CA LEU A 464 8.04 -6.79 -23.89
C LEU A 464 9.08 -7.46 -23.00
N ARG A 465 10.34 -7.45 -23.40
CA ARG A 465 11.41 -8.00 -22.56
C ARG A 465 11.41 -7.39 -21.16
N THR A 466 11.29 -6.07 -21.09
CA THR A 466 11.32 -5.34 -19.82
C THR A 466 10.09 -5.65 -18.96
N VAL A 467 8.92 -5.53 -19.58
CA VAL A 467 7.64 -5.75 -18.94
C VAL A 467 7.53 -7.19 -18.44
N LEU A 468 8.03 -8.13 -19.22
CA LEU A 468 7.97 -9.53 -18.85
C LEU A 468 8.92 -9.83 -17.71
N TYR A 469 10.12 -9.28 -17.78
CA TYR A 469 11.10 -9.49 -16.74
C TYR A 469 10.59 -8.99 -15.40
N ILE A 470 10.08 -7.76 -15.37
CA ILE A 470 9.57 -7.17 -14.12
C ILE A 470 8.40 -7.99 -13.59
N THR A 471 7.55 -8.49 -14.49
CA THR A 471 6.43 -9.28 -14.05
C THR A 471 6.87 -10.59 -13.36
N LEU A 472 7.80 -11.30 -13.98
CA LEU A 472 8.32 -12.55 -13.41
C LEU A 472 8.99 -12.33 -12.06
N GLU A 473 9.70 -11.22 -11.91
CA GLU A 473 10.45 -10.98 -10.71
C GLU A 473 9.51 -10.54 -9.59
N GLY A 474 8.46 -9.81 -9.94
CA GLY A 474 7.44 -9.45 -8.96
C GLY A 474 6.70 -10.68 -8.49
N VAL A 475 6.40 -11.58 -9.42
CA VAL A 475 5.74 -12.84 -9.05
C VAL A 475 6.63 -13.74 -8.18
N ARG A 476 7.90 -13.83 -8.52
CA ARG A 476 8.82 -14.64 -7.76
C ARG A 476 8.91 -14.18 -6.29
N VAL A 477 9.07 -12.88 -6.10
CA VAL A 477 9.26 -12.29 -4.79
C VAL A 477 8.01 -12.41 -3.90
N THR A 478 6.85 -12.08 -4.47
CA THR A 478 5.58 -12.19 -3.75
C THR A 478 5.36 -13.63 -3.35
N THR A 479 5.64 -14.55 -4.26
CA THR A 479 5.49 -15.98 -3.99
C THR A 479 6.42 -16.47 -2.87
N LEU A 480 7.67 -16.04 -2.92
CA LEU A 480 8.61 -16.36 -1.86
C LEU A 480 8.01 -15.91 -0.51
N LEU A 481 7.53 -14.68 -0.45
CA LEU A 481 6.95 -14.18 0.78
C LEU A 481 5.65 -14.86 1.15
N LEU A 482 4.92 -15.38 0.16
CA LEU A 482 3.71 -16.14 0.43
C LEU A 482 3.97 -17.62 0.70
N SER A 483 5.19 -18.09 0.54
CA SER A 483 5.47 -19.51 0.65
C SER A 483 5.22 -20.12 2.03
N PRO A 484 5.39 -19.35 3.14
CA PRO A 484 5.02 -19.91 4.45
C PRO A 484 3.51 -20.13 4.60
N ILE A 485 2.73 -19.47 3.76
CA ILE A 485 1.29 -19.56 3.78
C ILE A 485 0.76 -20.52 2.73
N LEU A 486 1.46 -20.64 1.62
CA LEU A 486 1.04 -21.50 0.52
C LEU A 486 2.20 -22.42 0.16
N PRO A 487 2.58 -23.32 1.07
CA PRO A 487 3.82 -24.07 0.86
C PRO A 487 3.83 -24.97 -0.38
N ARG A 488 2.74 -25.65 -0.67
CA ARG A 488 2.71 -26.54 -1.82
C ARG A 488 2.60 -25.75 -3.12
N LYS A 489 1.71 -24.77 -3.14
CA LYS A 489 1.52 -23.92 -4.32
C LYS A 489 2.71 -23.03 -4.61
N SER A 490 3.44 -22.58 -3.57
CA SER A 490 4.64 -21.79 -3.83
C SER A 490 5.63 -22.63 -4.64
N VAL A 491 5.66 -23.94 -4.39
CA VAL A 491 6.53 -24.86 -5.13
C VAL A 491 6.07 -25.02 -6.58
N VAL A 492 4.77 -25.19 -6.79
CA VAL A 492 4.26 -25.30 -8.14
C VAL A 492 4.55 -24.03 -8.94
N ILE A 493 4.38 -22.88 -8.32
CA ILE A 493 4.69 -21.60 -8.93
C ILE A 493 6.16 -21.50 -9.30
N PHE A 494 7.05 -21.83 -8.36
CA PHE A 494 8.48 -21.76 -8.64
C PHE A 494 8.90 -22.72 -9.75
N ASP A 495 8.27 -23.90 -9.79
CA ASP A 495 8.55 -24.86 -10.87
C ASP A 495 8.16 -24.26 -12.22
N MET A 496 6.95 -23.71 -12.31
CA MET A 496 6.50 -23.03 -13.53
C MET A 496 7.44 -21.91 -13.96
N LEU A 497 7.93 -21.13 -13.01
CA LEU A 497 8.86 -20.04 -13.32
C LEU A 497 10.27 -20.55 -13.60
N GLY A 498 10.52 -21.82 -13.29
CA GLY A 498 11.85 -22.41 -13.45
C GLY A 498 12.90 -21.85 -12.48
N VAL A 499 12.47 -21.43 -11.30
CA VAL A 499 13.39 -20.87 -10.29
C VAL A 499 14.19 -22.01 -9.65
N PRO A 500 15.53 -21.94 -9.74
CA PRO A 500 16.34 -22.98 -9.08
C PRO A 500 16.08 -23.09 -7.58
N GLU A 501 16.21 -24.30 -7.06
CA GLU A 501 16.01 -24.58 -5.65
C GLU A 501 16.70 -23.61 -4.70
N VAL A 502 17.97 -23.30 -4.99
CA VAL A 502 18.75 -22.41 -4.14
C VAL A 502 18.11 -21.03 -3.97
N HIS A 503 17.38 -20.59 -4.98
CA HIS A 503 16.77 -19.27 -4.95
C HIS A 503 15.39 -19.28 -4.30
N ARG A 504 14.98 -20.43 -3.78
CA ARG A 504 13.66 -20.55 -3.12
C ARG A 504 13.68 -20.27 -1.61
N LYS A 505 14.84 -19.93 -1.05
CA LYS A 505 14.90 -19.48 0.32
C LYS A 505 16.12 -18.59 0.56
N GLY A 506 16.22 -18.02 1.76
CA GLY A 506 17.32 -17.15 2.10
C GLY A 506 17.06 -15.69 1.79
N ILE A 507 17.44 -14.81 2.71
CA ILE A 507 17.28 -13.36 2.56
C ILE A 507 17.94 -12.83 1.29
N GLU A 508 19.04 -13.46 0.90
CA GLU A 508 19.71 -13.14 -0.36
C GLU A 508 18.66 -13.08 -1.49
N ASN A 509 17.68 -13.98 -1.46
CA ASN A 509 16.70 -14.07 -2.52
C ASN A 509 15.46 -13.19 -2.32
N PHE A 510 15.48 -12.39 -1.25
CA PHE A 510 14.54 -11.29 -1.10
C PHE A 510 14.86 -10.14 -2.05
N GLU A 511 16.12 -10.00 -2.44
CA GLU A 511 16.54 -8.93 -3.34
C GLU A 511 16.00 -9.08 -4.76
N PHE A 512 15.69 -7.93 -5.36
CA PHE A 512 15.19 -7.84 -6.72
C PHE A 512 16.32 -8.22 -7.67
N GLY A 513 16.03 -9.14 -8.58
CA GLY A 513 17.01 -9.58 -9.58
C GLY A 513 17.86 -10.79 -9.22
N ALA A 514 17.42 -11.59 -8.25
CA ALA A 514 18.19 -12.74 -7.80
C ALA A 514 18.23 -13.90 -8.80
N VAL A 515 17.18 -14.05 -9.62
CA VAL A 515 17.19 -15.04 -10.70
C VAL A 515 17.65 -14.36 -11.99
N PRO A 516 18.72 -14.87 -12.62
CA PRO A 516 19.28 -14.22 -13.78
C PRO A 516 18.46 -14.39 -15.06
N PRO A 517 18.52 -13.40 -15.96
CA PRO A 517 17.92 -13.57 -17.28
C PRO A 517 18.55 -14.75 -18.02
N GLY A 518 17.75 -15.41 -18.86
CA GLY A 518 18.20 -16.62 -19.54
C GLY A 518 17.75 -17.89 -18.84
N THR A 519 17.36 -17.78 -17.57
CA THR A 519 16.76 -18.89 -16.83
C THR A 519 15.55 -19.39 -17.58
N ARG A 520 15.47 -20.70 -17.77
CA ARG A 520 14.39 -21.31 -18.54
C ARG A 520 13.21 -21.61 -17.65
N LEU A 521 12.01 -21.44 -18.18
CA LEU A 521 10.80 -21.76 -17.44
C LEU A 521 10.65 -23.27 -17.31
N GLY A 522 9.84 -23.70 -16.36
CA GLY A 522 9.55 -25.11 -16.16
C GLY A 522 8.65 -25.61 -17.27
N PRO A 523 8.44 -26.92 -17.35
CA PRO A 523 7.61 -27.46 -18.43
C PRO A 523 6.13 -27.19 -18.22
N ALA A 524 5.41 -26.96 -19.31
CA ALA A 524 3.96 -26.73 -19.26
C ALA A 524 3.19 -28.04 -19.14
N VAL A 525 1.92 -27.94 -18.76
CA VAL A 525 0.98 -29.06 -18.80
C VAL A 525 -0.35 -28.58 -19.41
N GLU A 526 -0.96 -29.42 -20.25
CA GLU A 526 -2.23 -29.08 -20.91
C GLU A 526 -3.36 -28.95 -19.89
N GLY A 527 -3.98 -27.77 -19.83
CA GLY A 527 -5.02 -27.49 -18.86
C GLY A 527 -4.49 -27.48 -17.44
N GLU A 528 -3.40 -26.75 -17.23
CA GLU A 528 -2.72 -26.71 -15.93
C GLU A 528 -3.50 -25.84 -14.95
N VAL A 529 -3.89 -26.43 -13.82
CA VAL A 529 -4.68 -25.74 -12.80
C VAL A 529 -3.78 -25.34 -11.63
N LEU A 530 -3.75 -24.04 -11.34
CA LEU A 530 -3.06 -23.53 -10.16
C LEU A 530 -4.10 -23.33 -9.05
N PHE A 531 -5.09 -22.48 -9.31
CA PHE A 531 -6.29 -22.36 -8.47
C PHE A 531 -7.51 -22.30 -9.39
N SER A 532 -8.32 -23.35 -9.41
CA SER A 532 -9.49 -23.37 -10.29
C SER A 532 -10.65 -22.68 -9.60
N LYS A 533 -11.39 -21.87 -10.35
CA LYS A 533 -12.52 -21.15 -9.80
C LYS A 533 -13.66 -22.08 -9.41
N ARG A 534 -14.49 -21.63 -8.47
CA ARG A 534 -15.66 -22.38 -8.01
C ARG A 534 -16.91 -21.56 -8.30
N SER A 535 -17.93 -22.20 -8.85
CA SER A 535 -19.19 -21.52 -9.15
C SER A 535 -19.83 -20.93 -7.88
N THR A 536 -20.57 -19.84 -8.02
CA THR A 536 -21.27 -19.21 -6.89
C THR A 536 -22.68 -19.79 -6.74
N GLU A 537 -22.92 -20.45 -5.61
CA GLU A 537 -24.19 -21.14 -5.34
C GLU A 537 -24.64 -20.90 -3.91
N GLY B 1 12.77 2.57 -0.22
CA GLY B 1 14.15 3.03 -0.58
C GLY B 1 14.18 4.46 -1.09
N PRO B 2 15.37 4.95 -1.46
CA PRO B 2 15.49 6.33 -1.94
C PRO B 2 14.67 6.63 -3.20
N GLY B 3 14.17 7.86 -3.28
CA GLY B 3 13.59 8.35 -4.51
C GLY B 3 14.67 8.71 -5.52
N SER B 4 14.28 9.31 -6.63
CA SER B 4 15.24 9.76 -7.60
C SER B 4 15.81 11.07 -7.09
N MET B 5 17.03 11.40 -7.52
CA MET B 5 17.69 12.61 -7.05
C MET B 5 17.17 13.82 -7.81
N LYS B 6 17.60 15.01 -7.41
CA LYS B 6 17.17 16.22 -8.08
C LYS B 6 17.73 16.25 -9.50
N VAL B 7 16.98 16.85 -10.42
CA VAL B 7 17.50 17.21 -11.72
C VAL B 7 18.55 18.31 -11.56
N GLU B 8 19.49 18.36 -12.49
CA GLU B 8 20.50 19.43 -12.52
C GLU B 8 19.97 20.70 -13.18
N LYS B 9 19.15 20.55 -14.21
CA LYS B 9 18.57 21.67 -14.92
C LYS B 9 17.44 22.33 -14.13
N VAL B 10 16.83 23.36 -14.69
CA VAL B 10 15.58 23.89 -14.14
C VAL B 10 14.42 23.04 -14.63
N PHE B 11 13.65 22.47 -13.70
CA PHE B 11 12.51 21.65 -14.05
C PHE B 11 11.44 22.51 -14.70
N PHE B 12 11.02 22.13 -15.90
CA PHE B 12 10.21 22.97 -16.76
C PHE B 12 8.91 22.22 -17.06
N VAL B 13 7.81 22.73 -16.52
CA VAL B 13 6.53 22.10 -16.69
C VAL B 13 5.54 23.10 -17.28
N THR B 14 4.74 22.65 -18.21
CA THR B 14 3.85 23.55 -18.96
C THR B 14 2.41 23.04 -18.96
N SER B 15 1.50 23.95 -19.27
CA SER B 15 0.13 23.63 -19.65
C SER B 15 -0.03 24.06 -21.08
N PRO B 16 -1.13 23.65 -21.73
CA PRO B 16 -1.38 24.21 -23.05
C PRO B 16 -1.64 25.69 -22.89
N ILE B 17 -1.62 26.42 -23.99
CA ILE B 17 -2.10 27.79 -23.97
C ILE B 17 -3.52 27.77 -24.50
N TYR B 18 -4.37 28.58 -23.88
CA TYR B 18 -5.80 28.43 -24.02
C TYR B 18 -6.40 29.49 -24.94
N TYR B 19 -7.35 29.09 -25.78
CA TYR B 19 -7.87 29.98 -26.80
C TYR B 19 -8.83 31.00 -26.18
N VAL B 20 -8.69 32.25 -26.60
CA VAL B 20 -9.42 33.36 -25.97
C VAL B 20 -10.78 33.68 -26.61
N ASN B 21 -11.33 32.75 -27.38
CA ASN B 21 -12.70 32.90 -27.89
C ASN B 21 -13.74 32.37 -26.91
N ALA B 22 -13.29 31.91 -25.75
CA ALA B 22 -14.15 31.43 -24.67
C ALA B 22 -13.61 31.87 -23.31
N ALA B 23 -14.52 31.97 -22.35
CA ALA B 23 -14.14 32.33 -20.98
C ALA B 23 -13.50 31.13 -20.30
N PRO B 24 -12.72 31.36 -19.24
CA PRO B 24 -12.09 30.23 -18.58
C PRO B 24 -13.14 29.26 -18.04
N HIS B 25 -12.83 27.96 -18.03
CA HIS B 25 -13.76 26.94 -17.57
C HIS B 25 -12.98 25.75 -16.97
N ILE B 26 -13.69 24.72 -16.54
CA ILE B 26 -13.11 23.58 -15.81
C ILE B 26 -11.94 22.91 -16.53
N GLY B 27 -12.07 22.66 -17.83
CA GLY B 27 -10.96 22.14 -18.63
C GLY B 27 -9.64 22.87 -18.42
N HIS B 28 -9.65 24.19 -18.58
CA HIS B 28 -8.47 25.03 -18.40
C HIS B 28 -7.97 24.99 -16.97
N VAL B 29 -8.91 25.07 -16.03
CA VAL B 29 -8.59 25.04 -14.62
C VAL B 29 -7.92 23.71 -14.29
N TYR B 30 -8.44 22.64 -14.89
CA TYR B 30 -7.95 21.29 -14.64
C TYR B 30 -6.53 21.08 -15.17
N SER B 31 -6.28 21.43 -16.43
CA SER B 31 -4.94 21.32 -16.99
C SER B 31 -3.92 22.14 -16.22
N THR B 32 -4.26 23.38 -15.93
CA THR B 32 -3.34 24.24 -15.19
C THR B 32 -3.10 23.72 -13.74
N LEU B 33 -4.11 23.11 -13.13
CA LEU B 33 -3.94 22.50 -11.80
C LEU B 33 -2.85 21.43 -11.82
N ILE B 34 -2.87 20.60 -12.86
CA ILE B 34 -1.92 19.49 -12.99
C ILE B 34 -0.49 20.04 -13.10
N THR B 35 -0.32 21.01 -13.99
CA THR B 35 0.91 21.74 -14.13
C THR B 35 1.36 22.32 -12.79
N ASP B 36 0.45 22.98 -12.10
CA ASP B 36 0.79 23.66 -10.88
C ASP B 36 1.29 22.67 -9.84
N VAL B 37 0.61 21.53 -9.76
CA VAL B 37 0.92 20.50 -8.79
C VAL B 37 2.31 19.90 -9.05
N ILE B 38 2.57 19.57 -10.32
CA ILE B 38 3.85 19.00 -10.68
C ILE B 38 4.94 20.00 -10.35
N GLY B 39 4.73 21.25 -10.72
CA GLY B 39 5.65 22.31 -10.34
C GLY B 39 5.91 22.36 -8.84
N ARG B 40 4.83 22.30 -8.06
CA ARG B 40 4.94 22.44 -6.62
C ARG B 40 5.76 21.27 -6.06
N TYR B 41 5.52 20.06 -6.58
CA TYR B 41 6.22 18.90 -6.04
C TYR B 41 7.72 19.07 -6.19
N HIS B 42 8.14 19.52 -7.38
CA HIS B 42 9.55 19.68 -7.65
C HIS B 42 10.15 20.87 -6.88
N ARG B 43 9.33 21.86 -6.55
CA ARG B 43 9.82 22.94 -5.70
C ARG B 43 10.04 22.40 -4.28
N VAL B 44 9.12 21.59 -3.79
CA VAL B 44 9.21 20.95 -2.47
C VAL B 44 10.39 19.98 -2.38
N LYS B 45 10.69 19.33 -3.50
CA LYS B 45 11.84 18.44 -3.58
C LYS B 45 13.16 19.21 -3.44
N GLY B 46 13.13 20.51 -3.76
CA GLY B 46 14.28 21.39 -3.63
C GLY B 46 14.91 21.71 -4.97
N GLU B 47 14.20 21.45 -6.07
CA GLU B 47 14.68 21.79 -7.40
C GLU B 47 14.26 23.19 -7.80
N ARG B 48 15.02 23.78 -8.71
CA ARG B 48 14.60 25.00 -9.40
C ARG B 48 13.50 24.61 -10.37
N VAL B 49 12.49 25.46 -10.49
CA VAL B 49 11.31 25.13 -11.26
C VAL B 49 10.83 26.33 -12.05
N PHE B 50 10.50 26.09 -13.31
CA PHE B 50 9.78 27.06 -14.14
C PHE B 50 8.48 26.45 -14.64
N ALA B 51 7.36 26.95 -14.16
CA ALA B 51 6.04 26.47 -14.58
C ALA B 51 5.35 27.51 -15.46
N LEU B 52 4.85 27.07 -16.60
CA LEU B 52 4.35 27.98 -17.61
C LEU B 52 2.92 27.64 -17.99
N THR B 53 2.14 28.69 -18.25
CA THR B 53 0.81 28.58 -18.83
C THR B 53 0.56 29.84 -19.66
N GLY B 54 -0.58 29.91 -20.34
CA GLY B 54 -0.88 31.12 -21.12
C GLY B 54 -2.04 31.05 -22.08
N THR B 55 -2.07 32.00 -23.01
CA THR B 55 -3.19 32.14 -23.94
C THR B 55 -2.74 32.17 -25.39
N ASP B 56 -3.53 31.51 -26.23
CA ASP B 56 -3.36 31.45 -27.69
C ASP B 56 -4.33 32.50 -28.24
N GLU B 57 -3.81 33.57 -28.82
CA GLU B 57 -4.60 34.77 -29.05
C GLU B 57 -4.87 35.14 -30.53
N HIS B 58 -4.25 34.44 -31.48
CA HIS B 58 -4.37 34.80 -32.89
C HIS B 58 -5.46 33.98 -33.59
N GLY B 59 -5.76 34.33 -34.84
CA GLY B 59 -6.65 33.52 -35.68
C GLY B 59 -7.99 34.17 -35.97
N GLN B 60 -8.71 33.60 -36.93
CA GLN B 60 -9.94 34.21 -37.41
C GLN B 60 -11.08 34.25 -36.38
N LYS B 61 -11.19 33.23 -35.54
CA LYS B 61 -12.33 33.17 -34.61
C LYS B 61 -12.25 34.24 -33.51
N VAL B 62 -11.03 34.52 -33.05
CA VAL B 62 -10.79 35.63 -32.13
C VAL B 62 -11.15 36.96 -32.80
N ALA B 63 -10.61 37.19 -33.99
CA ALA B 63 -10.94 38.41 -34.74
C ALA B 63 -12.45 38.56 -34.91
N GLU B 64 -13.13 37.47 -35.23
CA GLU B 64 -14.58 37.48 -35.44
C GLU B 64 -15.33 37.75 -34.13
N ALA B 65 -14.87 37.18 -33.02
CA ALA B 65 -15.49 37.44 -31.71
C ALA B 65 -15.36 38.91 -31.32
N ALA B 66 -14.16 39.47 -31.55
CA ALA B 66 -13.88 40.86 -31.27
C ALA B 66 -14.76 41.78 -32.11
N LYS B 67 -14.93 41.42 -33.38
CA LYS B 67 -15.78 42.16 -34.31
C LYS B 67 -17.23 42.24 -33.79
N GLN B 68 -17.74 41.14 -33.23
CA GLN B 68 -19.08 41.11 -32.67
C GLN B 68 -19.20 41.93 -31.38
N LYS B 69 -18.19 41.85 -30.50
CA LYS B 69 -18.14 42.72 -29.32
C LYS B 69 -17.89 44.20 -29.69
N GLN B 70 -17.54 44.44 -30.95
CA GLN B 70 -17.25 45.80 -31.45
C GLN B 70 -16.06 46.46 -30.74
N VAL B 71 -15.02 45.67 -30.49
CA VAL B 71 -13.76 46.17 -29.95
C VAL B 71 -12.62 45.71 -30.87
N SER B 72 -11.44 46.30 -30.71
CA SER B 72 -10.28 45.84 -31.45
C SER B 72 -9.85 44.47 -30.92
N PRO B 73 -9.31 43.61 -31.79
CA PRO B 73 -8.88 42.30 -31.32
C PRO B 73 -7.78 42.37 -30.24
N TYR B 74 -6.97 43.41 -30.27
CA TYR B 74 -5.95 43.61 -29.22
C TYR B 74 -6.59 43.90 -27.86
N ASP B 75 -7.66 44.68 -27.84
CA ASP B 75 -8.41 44.92 -26.60
C ASP B 75 -9.15 43.67 -26.14
N PHE B 76 -9.83 43.02 -27.08
CA PHE B 76 -10.55 41.80 -26.80
C PHE B 76 -9.61 40.77 -26.15
N THR B 77 -8.48 40.50 -26.78
CA THR B 77 -7.56 39.49 -26.28
C THR B 77 -6.96 39.89 -24.94
N THR B 78 -6.64 41.18 -24.78
CA THR B 78 -6.08 41.67 -23.51
C THR B 78 -7.07 41.45 -22.37
N ALA B 79 -8.35 41.71 -22.65
CA ALA B 79 -9.40 41.49 -21.67
C ALA B 79 -9.56 39.99 -21.31
N VAL B 80 -9.64 39.12 -22.31
CA VAL B 80 -9.89 37.71 -22.03
C VAL B 80 -8.69 37.12 -21.29
N ALA B 81 -7.50 37.43 -21.77
CA ALA B 81 -6.28 37.05 -21.06
C ALA B 81 -6.34 37.43 -19.58
N GLY B 82 -6.78 38.65 -19.30
CA GLY B 82 -6.99 39.09 -17.92
C GLY B 82 -7.95 38.22 -17.13
N GLU B 83 -9.02 37.78 -17.78
CA GLU B 83 -9.94 36.81 -17.19
C GLU B 83 -9.20 35.54 -16.79
N PHE B 84 -8.36 35.03 -17.68
CA PHE B 84 -7.62 33.80 -17.39
C PHE B 84 -6.65 34.02 -16.21
N LYS B 85 -5.92 35.13 -16.22
CA LYS B 85 -4.99 35.44 -15.15
C LYS B 85 -5.69 35.52 -13.80
N LYS B 86 -6.84 36.19 -13.78
CA LYS B 86 -7.62 36.36 -12.57
C LYS B 86 -8.16 35.02 -12.07
N CYS B 87 -8.56 34.16 -13.01
CA CYS B 87 -9.05 32.84 -12.65
C CYS B 87 -8.00 32.02 -11.92
N PHE B 88 -6.77 32.09 -12.42
CA PHE B 88 -5.68 31.32 -11.87
C PHE B 88 -5.15 31.94 -10.58
N GLU B 89 -5.31 33.25 -10.43
CA GLU B 89 -5.03 33.90 -9.14
C GLU B 89 -6.04 33.37 -8.12
N GLN B 90 -7.31 33.36 -8.50
CA GLN B 90 -8.35 32.90 -7.59
C GLN B 90 -8.18 31.44 -7.18
N MET B 91 -7.70 30.60 -8.10
CA MET B 91 -7.45 29.20 -7.79
C MET B 91 -6.17 28.97 -6.97
N ASP B 92 -5.41 30.03 -6.71
CA ASP B 92 -4.24 29.94 -5.84
C ASP B 92 -3.20 28.99 -6.46
N TYR B 93 -2.96 29.15 -7.76
CA TYR B 93 -1.85 28.47 -8.43
C TYR B 93 -0.56 29.26 -8.22
N SER B 94 0.56 28.62 -8.50
CA SER B 94 1.87 29.22 -8.37
C SER B 94 2.65 28.96 -9.67
N ILE B 95 2.04 29.39 -10.78
CA ILE B 95 2.62 29.32 -12.09
C ILE B 95 3.59 30.48 -12.23
N ASP B 96 4.77 30.21 -12.79
CA ASP B 96 5.85 31.20 -12.81
C ASP B 96 5.66 32.29 -13.87
N TYR B 97 5.13 31.92 -15.03
CA TYR B 97 4.90 32.89 -16.10
C TYR B 97 3.63 32.60 -16.92
N PHE B 98 2.96 33.69 -17.28
CA PHE B 98 1.76 33.66 -18.08
C PHE B 98 2.10 34.28 -19.44
N ILE B 99 2.22 33.43 -20.46
CA ILE B 99 2.65 33.88 -21.78
C ILE B 99 1.45 34.11 -22.69
N ARG B 100 1.52 35.20 -23.47
CA ARG B 100 0.48 35.52 -24.45
C ARG B 100 1.13 35.57 -25.82
N THR B 101 0.47 34.97 -26.82
CA THR B 101 1.08 34.87 -28.14
C THR B 101 1.12 36.21 -28.88
N THR B 102 0.42 37.21 -28.37
CA THR B 102 0.53 38.57 -28.89
C THR B 102 1.84 39.25 -28.47
N ASN B 103 2.56 38.64 -27.53
CA ASN B 103 3.82 39.19 -27.05
C ASN B 103 4.87 39.26 -28.17
N GLU B 104 5.58 40.40 -28.25
CA GLU B 104 6.57 40.60 -29.30
C GLU B 104 7.72 39.59 -29.24
N GLN B 105 8.12 39.22 -28.03
CA GLN B 105 9.21 38.25 -27.86
C GLN B 105 8.80 36.91 -28.44
N HIS B 106 7.57 36.49 -28.16
CA HIS B 106 7.05 35.27 -28.76
C HIS B 106 7.09 35.31 -30.30
N LYS B 107 6.77 36.47 -30.87
CA LYS B 107 6.76 36.61 -32.32
C LYS B 107 8.16 36.52 -32.91
N ALA B 108 9.14 37.07 -32.20
CA ALA B 108 10.54 36.95 -32.57
C ALA B 108 10.97 35.49 -32.66
N VAL B 109 10.57 34.69 -31.67
CA VAL B 109 10.96 33.29 -31.61
C VAL B 109 10.25 32.47 -32.69
N VAL B 110 8.95 32.73 -32.87
CA VAL B 110 8.20 32.08 -33.94
C VAL B 110 8.86 32.34 -35.29
N LYS B 111 9.35 33.56 -35.50
CA LYS B 111 10.10 33.89 -36.71
C LYS B 111 11.45 33.18 -36.80
N GLU B 112 12.18 33.12 -35.69
CA GLU B 112 13.47 32.44 -35.67
C GLU B 112 13.29 30.95 -36.00
N LEU B 113 12.37 30.29 -35.31
CA LEU B 113 12.11 28.88 -35.57
C LEU B 113 11.53 28.64 -36.98
N TRP B 114 10.62 29.48 -37.44
CA TRP B 114 10.13 29.35 -38.81
C TRP B 114 11.30 29.35 -39.79
N THR B 115 12.17 30.35 -39.65
CA THR B 115 13.29 30.54 -40.57
C THR B 115 14.22 29.35 -40.58
N LYS B 116 14.54 28.83 -39.40
CA LYS B 116 15.40 27.66 -39.28
C LYS B 116 14.81 26.47 -40.05
N LEU B 117 13.53 26.22 -39.86
CA LEU B 117 12.84 25.14 -40.58
C LEU B 117 12.87 25.33 -42.08
N GLU B 118 12.73 26.58 -42.52
CA GLU B 118 12.70 26.93 -43.95
C GLU B 118 14.06 26.71 -44.56
N GLN B 119 15.10 27.13 -43.87
CA GLN B 119 16.47 26.96 -44.33
C GLN B 119 16.93 25.49 -44.34
N LYS B 120 16.39 24.66 -43.46
CA LYS B 120 16.66 23.21 -43.51
C LYS B 120 16.01 22.53 -44.72
N GLY B 121 15.08 23.23 -45.38
CA GLY B 121 14.31 22.68 -46.49
C GLY B 121 13.12 21.87 -46.02
N ASP B 122 12.71 22.08 -44.78
CA ASP B 122 11.59 21.32 -44.20
C ASP B 122 10.27 22.07 -44.31
N ILE B 123 10.36 23.37 -44.56
CA ILE B 123 9.21 24.17 -45.00
C ILE B 123 9.45 24.62 -46.44
N TYR B 124 8.44 24.48 -47.30
CA TYR B 124 8.55 24.93 -48.70
C TYR B 124 7.28 25.64 -49.17
N LEU B 125 7.44 26.55 -50.11
CA LEU B 125 6.32 27.29 -50.65
C LEU B 125 5.81 26.59 -51.91
N GLY B 126 4.52 26.30 -51.96
CA GLY B 126 3.93 25.67 -53.14
C GLY B 126 2.55 26.20 -53.42
N ARG B 127 2.12 26.16 -54.68
CA ARG B 127 0.78 26.57 -55.03
C ARG B 127 -0.15 25.40 -54.75
N TYR B 128 -1.17 25.61 -53.90
CA TYR B 128 -2.19 24.60 -53.69
C TYR B 128 -3.35 24.90 -54.62
N GLU B 129 -3.88 23.85 -55.26
CA GLU B 129 -5.06 23.95 -56.12
C GLU B 129 -6.02 22.83 -55.73
N GLY B 130 -7.16 23.21 -55.15
CA GLY B 130 -8.11 22.23 -54.62
C GLY B 130 -9.23 22.88 -53.81
N TRP B 131 -9.94 22.07 -53.04
CA TRP B 131 -11.06 22.54 -52.23
C TRP B 131 -10.58 22.95 -50.84
N TYR B 132 -11.20 23.98 -50.28
CA TYR B 132 -10.87 24.49 -48.95
C TYR B 132 -12.15 24.89 -48.21
N SER B 133 -12.30 24.41 -46.99
CA SER B 133 -13.38 24.86 -46.11
C SER B 133 -12.90 26.07 -45.32
N ILE B 134 -13.56 27.21 -45.54
CA ILE B 134 -13.16 28.47 -44.89
C ILE B 134 -13.54 28.41 -43.40
N SER B 135 -14.74 27.90 -43.14
CA SER B 135 -15.28 27.80 -41.78
C SER B 135 -14.49 26.80 -40.93
N ASP B 136 -14.14 25.65 -41.50
CA ASP B 136 -13.38 24.62 -40.79
C ASP B 136 -11.88 24.90 -40.77
N GLU B 137 -11.43 25.89 -41.56
CA GLU B 137 -10.01 26.24 -41.69
C GLU B 137 -9.19 25.05 -42.19
N SER B 138 -9.77 24.30 -43.13
CA SER B 138 -9.22 23.02 -43.58
C SER B 138 -9.17 22.89 -45.10
N PHE B 139 -8.09 22.32 -45.60
CA PHE B 139 -7.99 21.90 -46.99
C PHE B 139 -8.66 20.53 -47.14
N LEU B 140 -9.40 20.35 -48.21
CA LEU B 140 -10.20 19.13 -48.40
C LEU B 140 -9.98 18.52 -49.78
N THR B 141 -9.82 17.20 -49.81
CA THR B 141 -9.61 16.48 -51.06
C THR B 141 -10.93 16.26 -51.79
N PRO B 142 -10.87 15.83 -53.07
CA PRO B 142 -12.11 15.64 -53.85
C PRO B 142 -13.06 14.56 -53.33
N GLN B 143 -12.57 13.65 -52.48
CA GLN B 143 -13.45 12.62 -51.89
C GLN B 143 -14.31 13.16 -50.75
N ASN B 144 -13.85 14.21 -50.08
CA ASN B 144 -14.54 14.77 -48.92
C ASN B 144 -15.61 15.82 -49.28
N ILE B 145 -15.79 16.08 -50.57
CA ILE B 145 -16.80 17.04 -51.03
C ILE B 145 -17.98 16.31 -51.68
N THR B 146 -19.19 16.82 -51.44
CA THR B 146 -20.41 16.24 -51.99
C THR B 146 -21.00 17.11 -53.08
N ASP B 147 -22.16 16.68 -53.58
CA ASP B 147 -22.89 17.40 -54.63
C ASP B 147 -24.22 17.92 -54.07
N PRO B 155 -26.35 21.80 -49.24
CA PRO B 155 -26.74 22.57 -50.42
C PRO B 155 -25.53 22.92 -51.28
N CYS B 156 -25.40 22.25 -52.42
CA CYS B 156 -24.27 22.46 -53.36
C CYS B 156 -22.92 21.97 -52.76
N LYS B 157 -21.85 22.75 -52.90
CA LYS B 157 -20.50 22.34 -52.47
C LYS B 157 -20.33 22.41 -50.96
N VAL B 158 -20.33 21.26 -50.28
CA VAL B 158 -20.14 21.23 -48.83
C VAL B 158 -19.25 20.07 -48.40
N SER B 159 -18.74 20.17 -47.17
CA SER B 159 -17.89 19.14 -46.59
C SER B 159 -18.71 17.88 -46.24
N LEU B 160 -18.00 16.81 -45.93
CA LEU B 160 -18.60 15.52 -45.58
C LEU B 160 -18.60 15.30 -44.06
N GLU B 161 -17.45 15.56 -43.44
CA GLU B 161 -17.28 15.43 -41.98
C GLU B 161 -18.04 16.54 -41.28
N SER B 162 -17.72 17.77 -41.66
CA SER B 162 -18.50 18.93 -41.27
C SER B 162 -19.57 19.10 -42.34
N GLY B 163 -20.54 19.97 -42.09
CA GLY B 163 -21.58 20.28 -43.07
C GLY B 163 -21.33 21.61 -43.77
N HIS B 164 -20.19 22.23 -43.50
CA HIS B 164 -19.91 23.59 -43.98
C HIS B 164 -19.52 23.63 -45.45
N VAL B 165 -19.50 24.83 -46.01
CA VAL B 165 -19.23 25.07 -47.43
C VAL B 165 -17.73 24.97 -47.75
N VAL B 166 -17.42 24.44 -48.93
CA VAL B 166 -16.05 24.43 -49.45
C VAL B 166 -15.99 25.27 -50.73
N THR B 167 -14.84 25.86 -50.98
CA THR B 167 -14.61 26.68 -52.18
C THR B 167 -13.38 26.17 -52.91
N TRP B 168 -13.39 26.22 -54.25
CA TRP B 168 -12.19 25.90 -55.01
C TRP B 168 -11.26 27.12 -54.98
N VAL B 169 -10.01 26.89 -54.60
CA VAL B 169 -9.01 27.98 -54.52
C VAL B 169 -7.67 27.62 -55.17
N SER B 170 -6.91 28.66 -55.49
CA SER B 170 -5.59 28.52 -56.06
C SER B 170 -4.65 29.53 -55.40
N GLU B 171 -3.94 29.09 -54.36
CA GLU B 171 -3.11 29.98 -53.56
C GLU B 171 -1.76 29.38 -53.26
N GLU B 172 -0.75 30.24 -53.16
CA GLU B 172 0.53 29.85 -52.61
C GLU B 172 0.32 29.55 -51.13
N ASN B 173 0.96 28.48 -50.66
CA ASN B 173 0.83 28.03 -49.29
C ASN B 173 2.12 27.37 -48.81
N TYR B 174 2.46 27.58 -47.54
CA TYR B 174 3.64 26.95 -46.95
C TYR B 174 3.27 25.63 -46.34
N MET B 175 4.01 24.59 -46.72
CA MET B 175 3.89 23.26 -46.14
C MET B 175 5.14 22.89 -45.32
N PHE B 176 4.92 22.23 -44.20
CA PHE B 176 5.97 21.55 -43.45
C PHE B 176 6.00 20.07 -43.84
N ARG B 177 7.16 19.59 -44.27
CA ARG B 177 7.29 18.26 -44.82
C ARG B 177 7.27 17.18 -43.75
N LEU B 178 6.14 17.10 -43.06
CA LEU B 178 5.98 16.20 -41.92
C LEU B 178 6.24 14.72 -42.25
N SER B 179 5.86 14.32 -43.47
CA SER B 179 6.01 12.93 -43.90
C SER B 179 7.45 12.44 -43.83
N ALA B 180 8.39 13.35 -44.01
CA ALA B 180 9.80 13.05 -43.87
C ALA B 180 10.26 12.65 -42.46
N PHE B 181 9.44 12.89 -41.42
CA PHE B 181 9.85 12.62 -40.02
C PHE B 181 9.30 11.34 -39.43
N ARG B 182 8.57 10.58 -40.24
CA ARG B 182 7.96 9.35 -39.76
C ARG B 182 8.96 8.46 -39.02
N GLU B 183 10.05 8.10 -39.67
CA GLU B 183 11.00 7.16 -39.07
C GLU B 183 11.67 7.75 -37.83
N ARG B 184 12.10 9.00 -37.90
CA ARG B 184 12.74 9.63 -36.74
C ARG B 184 11.77 9.70 -35.54
N LEU B 185 10.49 9.93 -35.81
CA LEU B 185 9.48 9.98 -34.75
C LEU B 185 9.30 8.61 -34.12
N LEU B 186 9.16 7.59 -34.94
CA LEU B 186 9.04 6.22 -34.46
C LEU B 186 10.25 5.81 -33.63
N GLU B 187 11.45 6.20 -34.04
CA GLU B 187 12.67 5.88 -33.31
C GLU B 187 12.64 6.53 -31.93
N TRP B 188 12.16 7.77 -31.86
CA TRP B 188 12.07 8.50 -30.60
C TRP B 188 11.07 7.89 -29.62
N TYR B 189 9.89 7.52 -30.11
CA TYR B 189 8.90 6.84 -29.27
C TYR B 189 9.43 5.53 -28.67
N HIS B 190 10.08 4.71 -29.51
CA HIS B 190 10.58 3.41 -29.05
CA HIS B 190 10.62 3.40 -29.09
C HIS B 190 11.81 3.56 -28.14
N ALA B 191 12.67 4.54 -28.42
CA ALA B 191 13.86 4.78 -27.57
C ALA B 191 13.47 5.37 -26.22
N ASN B 192 12.31 5.99 -26.14
CA ASN B 192 11.86 6.66 -24.92
C ASN B 192 10.45 6.20 -24.59
N PRO B 193 10.31 4.95 -24.12
CA PRO B 193 8.98 4.34 -23.96
C PRO B 193 8.11 4.94 -22.83
N GLY B 194 8.62 5.94 -22.12
CA GLY B 194 7.81 6.71 -21.19
C GLY B 194 7.55 8.14 -21.66
N CYS B 195 7.87 8.45 -22.91
CA CYS B 195 7.77 9.83 -23.38
C CYS B 195 6.33 10.32 -23.47
N ILE B 196 5.37 9.40 -23.67
CA ILE B 196 3.97 9.75 -23.65
C ILE B 196 3.25 8.93 -22.62
N VAL B 197 2.53 9.61 -21.74
CA VAL B 197 1.76 9.00 -20.68
C VAL B 197 0.32 9.49 -20.77
N PRO B 198 -0.64 8.61 -20.49
CA PRO B 198 -0.55 7.19 -20.13
C PRO B 198 -0.34 6.27 -21.35
N GLU B 199 0.10 5.06 -21.04
CA GLU B 199 0.59 4.12 -22.03
C GLU B 199 -0.34 3.88 -23.21
N PHE B 200 -1.64 3.81 -23.00
CA PHE B 200 -2.54 3.52 -24.11
C PHE B 200 -2.62 4.67 -25.11
N ARG B 201 -2.37 5.89 -24.63
CA ARG B 201 -2.32 7.05 -25.51
C ARG B 201 -0.98 7.07 -26.23
N ARG B 202 0.05 6.56 -25.58
CA ARG B 202 1.33 6.40 -26.25
C ARG B 202 1.17 5.44 -27.43
N ARG B 203 0.48 4.32 -27.19
CA ARG B 203 0.23 3.33 -28.24
C ARG B 203 -0.59 3.93 -29.38
N GLU B 204 -1.59 4.76 -29.06
CA GLU B 204 -2.45 5.38 -30.09
C GLU B 204 -1.62 6.29 -31.00
N VAL B 205 -0.67 7.02 -30.42
CA VAL B 205 0.15 7.91 -31.22
C VAL B 205 1.01 7.09 -32.15
N ILE B 206 1.59 6.03 -31.62
CA ILE B 206 2.47 5.17 -32.41
C ILE B 206 1.73 4.53 -33.62
N ARG B 207 0.51 4.03 -33.45
CA ARG B 207 -0.22 3.44 -34.57
CA ARG B 207 -0.24 3.44 -34.57
C ARG B 207 -0.46 4.47 -35.67
N ALA B 208 -0.72 5.71 -35.28
CA ALA B 208 -1.00 6.79 -36.22
C ALA B 208 0.23 7.07 -37.06
N VAL B 209 1.38 7.22 -36.41
CA VAL B 209 2.61 7.52 -37.14
C VAL B 209 3.03 6.33 -38.01
N GLU B 210 2.75 5.11 -37.55
CA GLU B 210 3.05 3.91 -38.33
C GLU B 210 2.27 3.86 -39.65
N LYS B 211 1.02 4.31 -39.62
CA LYS B 211 0.17 4.37 -40.82
C LYS B 211 0.64 5.39 -41.88
N GLY B 212 1.53 6.31 -41.51
CA GLY B 212 2.06 7.31 -42.45
C GLY B 212 1.62 8.70 -42.03
N LEU B 213 2.41 9.71 -42.41
CA LEU B 213 2.09 11.11 -42.08
C LEU B 213 1.98 11.94 -43.34
N PRO B 214 0.91 12.74 -43.46
CA PRO B 214 0.84 13.68 -44.57
C PRO B 214 1.63 14.91 -44.21
N ASP B 215 1.96 15.73 -45.20
CA ASP B 215 2.60 17.00 -44.93
C ASP B 215 1.58 17.95 -44.32
N LEU B 216 2.08 18.97 -43.62
CA LEU B 216 1.27 19.84 -42.78
C LEU B 216 1.31 21.29 -43.27
N SER B 217 0.14 21.84 -43.61
CA SER B 217 0.05 23.24 -43.98
C SER B 217 0.26 24.14 -42.74
N VAL B 218 1.28 25.00 -42.81
CA VAL B 218 1.68 25.83 -41.66
C VAL B 218 1.46 27.33 -41.86
N SER B 219 0.87 27.71 -42.99
CA SER B 219 0.49 29.10 -43.21
C SER B 219 -0.94 29.21 -43.75
N ARG B 220 -1.53 30.38 -43.55
CA ARG B 220 -2.75 30.78 -44.23
C ARG B 220 -2.60 32.17 -44.78
N ALA B 221 -3.37 32.47 -45.83
CA ALA B 221 -3.41 33.80 -46.40
C ALA B 221 -3.95 34.78 -45.38
N ARG B 222 -3.40 36.00 -45.37
CA ARG B 222 -3.76 36.99 -44.34
C ARG B 222 -5.26 37.35 -44.30
N ALA B 223 -5.93 37.34 -45.45
CA ALA B 223 -7.37 37.63 -45.47
C ALA B 223 -8.17 36.57 -44.71
N THR B 224 -7.73 35.31 -44.79
CA THR B 224 -8.39 34.19 -44.12
C THR B 224 -8.37 34.34 -42.58
N LEU B 225 -7.31 34.97 -42.07
CA LEU B 225 -7.14 35.17 -40.64
C LEU B 225 -7.52 36.58 -40.19
N HIS B 226 -8.15 37.35 -41.08
CA HIS B 226 -8.54 38.74 -40.78
C HIS B 226 -7.35 39.56 -40.28
N ASN B 227 -6.19 39.31 -40.86
CA ASN B 227 -4.97 40.01 -40.51
C ASN B 227 -4.63 39.92 -39.02
N TRP B 228 -5.07 38.84 -38.37
CA TRP B 228 -4.85 38.70 -36.96
C TRP B 228 -4.03 37.45 -36.69
N ALA B 229 -2.72 37.58 -36.93
CA ALA B 229 -1.76 36.49 -36.83
C ALA B 229 -0.34 37.04 -37.02
N ILE B 230 0.66 36.17 -36.91
CA ILE B 230 2.07 36.54 -37.07
C ILE B 230 2.49 36.36 -38.52
N PRO B 231 3.24 37.33 -39.09
CA PRO B 231 3.63 37.21 -40.51
C PRO B 231 4.76 36.27 -40.77
N VAL B 232 4.66 35.57 -41.90
CA VAL B 232 5.71 34.71 -42.39
C VAL B 232 6.90 35.63 -42.69
N PRO B 233 8.06 35.37 -42.06
CA PRO B 233 9.29 36.10 -42.36
C PRO B 233 9.54 36.19 -43.86
N GLY B 234 9.68 37.41 -44.37
CA GLY B 234 9.98 37.61 -45.77
C GLY B 234 8.78 37.49 -46.68
N ASN B 235 7.59 37.26 -46.12
CA ASN B 235 6.38 37.20 -46.94
C ASN B 235 5.14 37.69 -46.20
N PRO B 236 4.88 39.01 -46.27
CA PRO B 236 3.76 39.67 -45.59
C PRO B 236 2.35 39.31 -46.09
N ASP B 237 2.24 38.64 -47.23
CA ASP B 237 0.92 38.20 -47.69
C ASP B 237 0.40 36.98 -46.94
N HIS B 238 1.27 36.30 -46.18
CA HIS B 238 0.92 35.06 -45.49
C HIS B 238 1.23 35.10 -44.00
N VAL B 240 1.64 32.89 -40.23
CA VAL B 240 1.93 31.64 -39.57
C VAL B 240 0.63 31.14 -38.94
N TYR B 241 0.24 29.90 -39.26
CA TYR B 241 -0.96 29.31 -38.68
C TYR B 241 -0.69 28.76 -37.26
N VAL B 242 -1.70 28.14 -36.65
CA VAL B 242 -1.71 27.78 -35.23
C VAL B 242 -0.55 26.87 -34.77
N TRP B 243 -0.16 25.93 -35.62
CA TRP B 243 0.78 24.90 -35.21
C TRP B 243 2.07 25.55 -34.71
N LEU B 244 2.70 26.33 -35.58
CA LEU B 244 3.98 26.92 -35.23
C LEU B 244 3.83 28.09 -34.30
N ASP B 245 2.71 28.80 -34.41
CA ASP B 245 2.44 29.90 -33.51
C ASP B 245 2.33 29.42 -32.06
N ALA B 246 1.37 28.55 -31.82
CA ALA B 246 1.01 28.15 -30.46
C ALA B 246 2.06 27.25 -29.81
N LEU B 247 2.47 26.18 -30.49
CA LEU B 247 3.45 25.26 -29.93
C LEU B 247 4.71 25.96 -29.50
N THR B 248 5.09 26.99 -30.24
CA THR B 248 6.36 27.66 -29.98
C THR B 248 6.38 28.40 -28.65
N ASN B 249 5.20 28.63 -28.09
CA ASN B 249 5.08 29.30 -26.82
C ASN B 249 6.01 28.66 -25.78
N TYR B 250 6.16 27.34 -25.82
CA TYR B 250 7.02 26.60 -24.89
C TYR B 250 8.48 27.01 -25.06
N LEU B 251 8.88 27.21 -26.30
CA LEU B 251 10.25 27.65 -26.60
C LEU B 251 10.49 29.10 -26.18
N THR B 252 9.57 30.00 -26.52
CA THR B 252 9.66 31.38 -26.08
C THR B 252 9.77 31.41 -24.56
N GLY B 253 8.88 30.68 -23.91
CA GLY B 253 8.79 30.67 -22.47
C GLY B 253 10.11 30.27 -21.86
N SER B 254 10.77 29.29 -22.48
CA SER B 254 12.01 28.75 -21.96
C SER B 254 13.16 29.75 -22.02
N ARG B 255 12.95 30.84 -22.76
CA ARG B 255 13.99 31.83 -23.08
C ARG B 255 13.72 33.21 -22.48
N LEU B 256 12.67 33.32 -21.66
CA LEU B 256 12.33 34.61 -21.08
C LEU B 256 12.88 34.77 -19.68
N ARG B 257 13.67 35.81 -19.47
CA ARG B 257 14.03 36.25 -18.11
C ARG B 257 12.84 36.99 -17.52
N VAL B 258 12.43 36.58 -16.32
CA VAL B 258 11.21 37.11 -15.71
C VAL B 258 11.57 37.76 -14.37
N ASP B 259 10.97 38.92 -14.09
CA ASP B 259 11.26 39.67 -12.86
C ASP B 259 10.40 39.23 -11.67
N GLU B 260 10.53 39.93 -10.55
CA GLU B 260 9.85 39.58 -9.30
C GLU B 260 8.32 39.65 -9.40
N SER B 261 7.80 40.48 -10.29
CA SER B 261 6.35 40.67 -10.45
C SER B 261 5.74 39.79 -11.56
N GLY B 262 6.57 39.01 -12.24
CA GLY B 262 6.10 38.10 -13.29
C GLY B 262 6.06 38.69 -14.69
N LYS B 263 6.75 39.80 -14.91
CA LYS B 263 6.81 40.42 -16.24
C LYS B 263 8.12 40.05 -16.97
N GLU B 264 8.02 39.78 -18.27
CA GLU B 264 9.19 39.42 -19.09
C GLU B 264 10.10 40.62 -19.29
N VAL B 265 11.38 40.41 -18.99
CA VAL B 265 12.36 41.47 -18.95
C VAL B 265 13.33 41.39 -20.13
N SER B 266 13.51 40.18 -20.67
CA SER B 266 14.50 39.96 -21.72
C SER B 266 14.27 38.64 -22.41
N LEU B 267 14.63 38.58 -23.69
CA LEU B 267 14.63 37.35 -24.45
C LEU B 267 16.08 36.93 -24.69
N VAL B 268 16.52 35.93 -23.95
CA VAL B 268 17.79 35.30 -24.15
C VAL B 268 17.92 34.70 -25.57
N ASP B 269 19.12 34.75 -26.14
CA ASP B 269 19.37 34.19 -27.48
C ASP B 269 19.48 32.66 -27.43
N ASP B 270 20.19 32.16 -26.43
CA ASP B 270 20.49 30.73 -26.30
C ASP B 270 19.71 30.11 -25.13
N PHE B 271 18.76 29.25 -25.46
CA PHE B 271 17.91 28.63 -24.44
C PHE B 271 18.71 27.99 -23.31
N ASN B 272 19.85 27.38 -23.62
CA ASN B 272 20.67 26.76 -22.58
C ASN B 272 21.08 27.72 -21.49
N GLU B 273 21.07 29.02 -21.76
CA GLU B 273 21.42 30.01 -20.75
C GLU B 273 20.50 29.95 -19.51
N LEU B 274 19.22 29.60 -19.73
CA LEU B 274 18.24 29.55 -18.64
C LEU B 274 17.96 28.13 -18.12
N GLU B 275 18.49 27.12 -18.80
CA GLU B 275 18.45 25.73 -18.33
C GLU B 275 17.01 25.15 -18.22
N ARG B 276 16.08 25.63 -19.04
CA ARG B 276 14.70 25.16 -19.00
C ARG B 276 14.33 24.24 -20.16
N PHE B 277 14.66 24.65 -21.38
CA PHE B 277 14.30 23.85 -22.54
C PHE B 277 15.17 22.60 -22.61
N PRO B 278 14.57 21.45 -22.96
CA PRO B 278 13.17 21.23 -23.27
C PRO B 278 12.36 20.94 -22.03
N ALA B 279 11.04 20.96 -22.19
CA ALA B 279 10.11 20.67 -21.12
C ALA B 279 10.35 19.28 -20.54
N ASP B 280 10.37 19.24 -19.20
CA ASP B 280 10.39 17.98 -18.50
C ASP B 280 9.01 17.31 -18.55
N VAL B 281 7.94 18.10 -18.43
CA VAL B 281 6.58 17.62 -18.63
C VAL B 281 5.73 18.65 -19.37
N HIS B 282 5.12 18.22 -20.47
CA HIS B 282 4.04 18.96 -21.13
C HIS B 282 2.70 18.36 -20.70
N VAL B 283 1.91 19.11 -19.93
CA VAL B 283 0.55 18.69 -19.61
C VAL B 283 -0.40 19.09 -20.74
N ILE B 284 -1.19 18.15 -21.23
CA ILE B 284 -2.21 18.45 -22.27
C ILE B 284 -3.46 17.60 -22.06
N GLY B 285 -4.55 18.00 -22.71
CA GLY B 285 -5.76 17.21 -22.76
C GLY B 285 -5.65 16.24 -23.92
N LYS B 286 -6.37 15.13 -23.84
CA LYS B 286 -6.31 14.11 -24.90
C LYS B 286 -6.67 14.67 -26.27
N ASP B 287 -7.53 15.67 -26.31
CA ASP B 287 -7.96 16.35 -27.56
C ASP B 287 -6.83 16.85 -28.47
N ILE B 288 -5.69 17.24 -27.89
CA ILE B 288 -4.57 17.74 -28.67
C ILE B 288 -3.36 16.82 -28.63
N LEU B 289 -3.60 15.54 -28.31
CA LEU B 289 -2.52 14.57 -28.14
C LEU B 289 -1.70 14.40 -29.40
N LYS B 290 -2.38 14.01 -30.47
CA LYS B 290 -1.71 13.75 -31.72
C LYS B 290 -0.93 14.95 -32.22
N PHE B 291 -1.52 16.13 -32.18
CA PHE B 291 -0.79 17.33 -32.60
C PHE B 291 0.44 17.59 -31.71
N HIS B 292 0.32 17.35 -30.42
CA HIS B 292 1.45 17.54 -29.51
C HIS B 292 2.51 16.46 -29.63
N ALA B 293 2.10 15.20 -29.74
CA ALA B 293 3.06 14.08 -29.77
C ALA B 293 3.65 13.83 -31.16
N ILE B 294 3.14 14.53 -32.17
CA ILE B 294 3.64 14.33 -33.54
C ILE B 294 4.24 15.61 -34.12
N TYR B 295 3.44 16.66 -34.29
CA TYR B 295 3.92 17.89 -34.94
C TYR B 295 5.09 18.52 -34.16
N TRP B 296 4.87 18.72 -32.86
CA TRP B 296 5.86 19.38 -31.99
C TRP B 296 7.24 18.71 -32.04
N PRO B 297 7.30 17.38 -31.82
CA PRO B 297 8.60 16.73 -31.96
C PRO B 297 9.25 16.90 -33.35
N ALA B 298 8.43 16.77 -34.40
CA ALA B 298 8.93 16.92 -35.76
C ALA B 298 9.54 18.29 -35.95
N PHE B 299 8.88 19.33 -35.45
CA PHE B 299 9.45 20.69 -35.53
C PHE B 299 10.79 20.79 -34.81
N LEU B 300 10.91 20.11 -33.67
CA LEU B 300 12.12 20.18 -32.87
C LEU B 300 13.24 19.37 -33.51
N LEU B 301 12.87 18.26 -34.15
CA LEU B 301 13.82 17.43 -34.89
C LEU B 301 14.38 18.24 -36.06
N SER B 302 13.47 18.83 -36.82
CA SER B 302 13.86 19.67 -37.95
C SER B 302 14.80 20.77 -37.48
N ALA B 303 14.40 21.50 -36.44
CA ALA B 303 15.21 22.62 -35.95
C ALA B 303 16.50 22.20 -35.24
N GLY B 304 16.67 20.89 -35.02
CA GLY B 304 17.81 20.40 -34.26
C GLY B 304 17.75 20.78 -32.80
N LEU B 305 16.54 20.91 -32.25
CA LEU B 305 16.33 21.23 -30.84
C LEU B 305 16.02 19.96 -30.07
N PRO B 306 16.32 19.96 -28.76
CA PRO B 306 16.05 18.79 -27.93
C PRO B 306 14.56 18.55 -27.72
N LEU B 307 14.20 17.29 -27.52
CA LEU B 307 12.80 16.90 -27.38
C LEU B 307 12.38 16.86 -25.91
N PRO B 308 11.10 17.11 -25.64
CA PRO B 308 10.62 17.02 -24.29
C PRO B 308 10.69 15.59 -23.75
N LYS B 309 10.83 15.46 -22.44
CA LYS B 309 10.95 14.15 -21.82
C LYS B 309 9.61 13.45 -21.77
N LYS B 310 8.57 14.17 -21.35
CA LYS B 310 7.25 13.59 -21.21
C LYS B 310 6.13 14.47 -21.71
N ILE B 311 5.10 13.83 -22.22
CA ILE B 311 3.86 14.47 -22.60
C ILE B 311 2.77 13.68 -21.87
N VAL B 312 2.04 14.34 -20.98
CA VAL B 312 0.99 13.68 -20.23
C VAL B 312 -0.37 14.22 -20.68
N ALA B 313 -1.23 13.31 -21.13
CA ALA B 313 -2.51 13.64 -21.74
C ALA B 313 -3.65 13.16 -20.85
N HIS B 314 -4.43 14.08 -20.30
CA HIS B 314 -5.51 13.73 -19.37
C HIS B 314 -6.86 13.69 -20.11
N GLY B 315 -7.93 13.38 -19.37
CA GLY B 315 -9.28 13.24 -19.92
C GLY B 315 -10.20 14.42 -19.66
N TRP B 316 -11.46 14.27 -20.07
CA TRP B 316 -12.47 15.32 -19.97
C TRP B 316 -13.37 15.06 -18.77
N TRP B 317 -13.82 16.12 -18.11
CA TRP B 317 -14.76 15.98 -16.99
C TRP B 317 -16.22 15.96 -17.42
N THR B 318 -17.04 15.34 -16.58
CA THR B 318 -18.51 15.47 -16.62
C THR B 318 -18.97 15.92 -15.23
N LYS B 319 -20.20 16.40 -15.15
CA LYS B 319 -20.84 16.66 -13.86
C LYS B 319 -22.17 15.91 -13.80
N ASP B 320 -22.36 15.16 -12.71
CA ASP B 320 -23.56 14.33 -12.51
C ASP B 320 -23.78 13.37 -13.69
N ARG B 321 -22.69 12.80 -14.17
CA ARG B 321 -22.69 11.86 -15.30
C ARG B 321 -23.23 12.42 -16.63
N LYS B 322 -23.34 13.74 -16.74
CA LYS B 322 -23.80 14.39 -17.98
C LYS B 322 -22.74 15.36 -18.50
N LYS B 323 -22.85 15.74 -19.78
CA LYS B 323 -21.93 16.69 -20.38
C LYS B 323 -22.05 18.06 -19.71
N ILE B 324 -20.92 18.74 -19.55
CA ILE B 324 -20.91 20.06 -18.94
C ILE B 324 -21.15 21.13 -20.00
N SER B 325 -22.23 21.89 -19.83
CA SER B 325 -22.61 22.92 -20.79
C SER B 325 -23.46 24.00 -20.12
N LYS B 326 -23.24 25.24 -20.53
CA LYS B 326 -24.03 26.37 -20.05
C LYS B 326 -25.44 26.29 -20.63
N SER B 327 -25.52 26.01 -21.93
CA SER B 327 -26.79 25.95 -22.64
C SER B 327 -27.66 24.75 -22.25
N LEU B 328 -27.04 23.65 -21.82
CA LEU B 328 -27.76 22.43 -21.41
C LEU B 328 -28.08 22.39 -19.90
N GLY B 329 -27.81 23.48 -19.19
CA GLY B 329 -28.15 23.57 -17.77
C GLY B 329 -27.26 22.79 -16.83
N ASN B 330 -26.11 22.33 -17.31
CA ASN B 330 -25.18 21.58 -16.47
C ASN B 330 -23.82 22.30 -16.34
N VAL B 331 -23.81 23.28 -15.45
CA VAL B 331 -22.66 24.12 -15.21
C VAL B 331 -21.79 23.54 -14.09
N PHE B 332 -20.48 23.50 -14.32
CA PHE B 332 -19.53 23.15 -13.28
C PHE B 332 -18.52 24.28 -13.10
N ASP B 333 -18.86 25.22 -12.23
CA ASP B 333 -18.02 26.38 -11.94
C ASP B 333 -17.05 26.05 -10.80
N PRO B 334 -15.75 25.90 -11.13
CA PRO B 334 -14.82 25.43 -10.10
C PRO B 334 -14.60 26.43 -8.99
N VAL B 335 -14.64 27.73 -9.30
CA VAL B 335 -14.47 28.75 -8.27
C VAL B 335 -15.63 28.68 -7.29
N GLU B 336 -16.84 28.54 -7.82
CA GLU B 336 -18.03 28.43 -6.99
C GLU B 336 -17.94 27.23 -6.04
N LYS B 337 -17.56 26.07 -6.58
CA LYS B 337 -17.46 24.86 -5.76
C LYS B 337 -16.36 24.99 -4.71
N ALA B 338 -15.26 25.65 -5.06
CA ALA B 338 -14.17 25.92 -4.13
C ALA B 338 -14.65 26.79 -2.96
N GLU B 339 -15.44 27.82 -3.28
CA GLU B 339 -16.01 28.71 -2.26
C GLU B 339 -16.90 27.94 -1.28
N GLU B 340 -17.60 26.93 -1.80
CA GLU B 340 -18.51 26.11 -1.03
C GLU B 340 -17.79 25.09 -0.15
N PHE B 341 -16.80 24.40 -0.71
CA PHE B 341 -16.13 23.28 -0.04
C PHE B 341 -14.68 23.50 0.36
N GLY B 342 -14.05 24.54 -0.18
CA GLY B 342 -12.63 24.76 0.05
C GLY B 342 -11.80 24.59 -1.23
N TYR B 343 -10.79 25.43 -1.35
CA TYR B 343 -9.93 25.42 -2.53
C TYR B 343 -9.03 24.18 -2.56
N ASP B 344 -8.35 23.89 -1.46
CA ASP B 344 -7.51 22.69 -1.40
C ASP B 344 -8.36 21.44 -1.53
N ALA B 345 -9.55 21.46 -0.94
CA ALA B 345 -10.43 20.30 -0.97
C ALA B 345 -10.91 19.96 -2.39
N LEU B 346 -11.32 20.98 -3.14
CA LEU B 346 -11.70 20.78 -4.53
C LEU B 346 -10.53 20.25 -5.33
N LYS B 347 -9.37 20.83 -5.12
CA LYS B 347 -8.17 20.42 -5.84
C LYS B 347 -7.89 18.96 -5.55
N TYR B 348 -7.91 18.61 -4.27
CA TYR B 348 -7.75 17.23 -3.85
C TYR B 348 -8.70 16.32 -4.60
N PHE B 349 -9.98 16.69 -4.62
CA PHE B 349 -10.99 15.89 -5.30
C PHE B 349 -10.63 15.69 -6.76
N LEU B 350 -10.34 16.78 -7.45
CA LEU B 350 -10.08 16.71 -8.88
C LEU B 350 -8.93 15.77 -9.21
N LEU B 351 -7.91 15.76 -8.36
CA LEU B 351 -6.72 14.97 -8.61
C LEU B 351 -6.85 13.54 -8.14
N ARG B 352 -7.73 13.32 -7.17
CA ARG B 352 -7.92 12.01 -6.53
C ARG B 352 -9.04 11.23 -7.19
N GLU B 353 -10.10 11.92 -7.56
CA GLU B 353 -11.29 11.23 -8.07
C GLU B 353 -10.99 10.42 -9.33
N SER B 354 -10.16 10.96 -10.21
CA SER B 354 -9.88 10.28 -11.46
C SER B 354 -8.41 10.35 -11.82
N GLY B 355 -7.97 9.39 -12.62
CA GLY B 355 -6.63 9.41 -13.19
C GLY B 355 -6.66 10.03 -14.58
N PHE B 356 -5.49 10.06 -15.20
CA PHE B 356 -5.35 10.66 -16.54
C PHE B 356 -5.92 9.77 -17.62
N SER B 357 -6.03 8.48 -17.33
CA SER B 357 -6.63 7.52 -18.26
C SER B 357 -8.15 7.61 -18.30
N ASP B 358 -8.73 8.32 -17.35
CA ASP B 358 -10.17 8.32 -17.17
C ASP B 358 -10.77 9.71 -17.41
N ASP B 359 -12.02 9.70 -17.88
CA ASP B 359 -12.85 10.89 -17.89
C ASP B 359 -13.57 10.96 -16.54
N GLY B 360 -13.02 11.74 -15.61
CA GLY B 360 -13.59 11.89 -14.26
C GLY B 360 -14.98 12.49 -14.23
N ASP B 361 -15.72 12.21 -13.14
CA ASP B 361 -17.09 12.71 -12.94
C ASP B 361 -17.23 13.43 -11.59
N TYR B 362 -17.61 14.70 -11.65
CA TYR B 362 -17.90 15.47 -10.44
C TYR B 362 -19.35 15.27 -10.01
N SER B 363 -19.55 15.12 -8.70
CA SER B 363 -20.86 15.30 -8.07
C SER B 363 -20.65 15.89 -6.68
N ASP B 364 -21.66 16.59 -6.17
CA ASP B 364 -21.61 17.13 -4.81
C ASP B 364 -21.51 16.02 -3.76
N LYS B 365 -22.20 14.93 -4.03
CA LYS B 365 -22.25 13.80 -3.10
C LYS B 365 -20.88 13.17 -2.94
N ASN B 366 -20.20 12.96 -4.06
CA ASN B 366 -18.86 12.36 -4.07
C ASN B 366 -17.78 13.27 -3.49
N MET B 367 -17.86 14.55 -3.87
CA MET B 367 -17.00 15.59 -3.30
C MET B 367 -17.07 15.58 -1.77
N ILE B 368 -18.29 15.47 -1.25
CA ILE B 368 -18.51 15.42 0.19
C ILE B 368 -18.06 14.08 0.79
N ALA B 369 -18.27 12.99 0.05
CA ALA B 369 -17.80 11.69 0.51
C ALA B 369 -16.27 11.69 0.74
N ARG B 370 -15.52 12.32 -0.18
CA ARG B 370 -14.06 12.39 -0.05
C ARG B 370 -13.61 13.41 0.98
N LEU B 371 -14.29 14.56 1.02
CA LEU B 371 -13.96 15.60 2.00
C LEU B 371 -14.12 15.05 3.43
N ASN B 372 -15.24 14.38 3.67
CA ASN B 372 -15.54 13.83 4.99
C ASN B 372 -14.68 12.63 5.36
N GLY B 373 -14.60 11.66 4.46
CA GLY B 373 -13.93 10.39 4.76
C GLY B 373 -12.41 10.44 4.75
N GLU B 374 -11.85 11.22 3.82
CA GLU B 374 -10.40 11.22 3.65
C GLU B 374 -9.79 12.42 4.33
N LEU B 375 -10.22 13.61 3.96
CA LEU B 375 -9.61 14.84 4.46
C LEU B 375 -9.90 15.10 5.93
N ALA B 376 -11.15 14.93 6.34
CA ALA B 376 -11.53 15.14 7.74
C ALA B 376 -11.26 13.91 8.62
N ASP B 377 -11.86 12.77 8.29
CA ASP B 377 -11.71 11.56 9.10
C ASP B 377 -10.30 10.98 9.12
N THR B 378 -9.65 10.92 7.96
CA THR B 378 -8.34 10.28 7.90
C THR B 378 -7.24 11.28 8.23
N LEU B 379 -7.12 12.34 7.45
CA LEU B 379 -6.05 13.31 7.68
C LEU B 379 -6.30 14.21 8.89
N GLY B 380 -7.39 14.98 8.85
CA GLY B 380 -7.66 16.00 9.86
C GLY B 380 -7.76 15.47 11.27
N ASN B 381 -8.51 14.39 11.42
CA ASN B 381 -8.69 13.70 12.71
C ASN B 381 -7.36 13.32 13.35
N LEU B 382 -6.42 12.91 12.52
CA LEU B 382 -5.13 12.43 12.98
C LEU B 382 -4.27 13.61 13.47
N VAL B 383 -4.38 14.75 12.77
CA VAL B 383 -3.62 15.94 13.10
C VAL B 383 -4.03 16.46 14.47
N MET B 384 -5.33 16.38 14.76
CA MET B 384 -5.85 16.87 16.02
C MET B 384 -5.39 15.93 17.13
N ARG B 385 -5.59 14.63 16.93
CA ARG B 385 -5.12 13.62 17.89
C ARG B 385 -3.69 13.85 18.37
N CYS B 386 -2.74 14.05 17.44
CA CYS B 386 -1.34 14.12 17.85
C CYS B 386 -0.95 15.48 18.44
N THR B 387 -1.74 16.52 18.16
CA THR B 387 -1.52 17.85 18.73
C THR B 387 -2.44 18.18 19.90
N SER B 388 -3.30 17.22 20.26
CA SER B 388 -4.28 17.37 21.32
C SER B 388 -3.65 17.52 22.70
N ALA B 389 -4.10 18.52 23.47
CA ALA B 389 -3.63 18.73 24.84
C ALA B 389 -3.89 17.52 25.75
N LYS B 390 -4.94 16.76 25.47
CA LYS B 390 -5.27 15.57 26.26
C LYS B 390 -4.22 14.49 26.11
N ILE B 391 -3.59 14.43 24.94
CA ILE B 391 -2.65 13.36 24.60
C ILE B 391 -1.22 13.86 24.60
N ASN B 392 -0.99 14.98 23.92
CA ASN B 392 0.30 15.65 23.89
C ASN B 392 0.34 16.71 25.00
N VAL B 393 0.47 16.24 26.24
CA VAL B 393 0.29 17.13 27.39
C VAL B 393 1.36 18.23 27.48
N ASN B 394 2.58 17.96 27.04
CA ASN B 394 3.64 18.98 27.05
C ASN B 394 3.71 19.90 25.82
N GLY B 395 2.89 19.63 24.81
CA GLY B 395 2.86 20.45 23.60
C GLY B 395 4.23 20.52 22.93
N GLU B 396 4.80 19.35 22.63
CA GLU B 396 6.12 19.26 22.03
C GLU B 396 6.33 17.88 21.39
N TRP B 397 7.34 17.76 20.53
CA TRP B 397 7.72 16.49 19.99
C TRP B 397 8.50 15.73 21.06
N PRO B 398 8.04 14.53 21.42
CA PRO B 398 8.73 13.78 22.46
C PRO B 398 9.89 12.95 21.93
N SER B 399 10.80 12.60 22.83
CA SER B 399 11.92 11.77 22.49
C SER B 399 11.44 10.33 22.61
N PRO B 400 11.54 9.53 21.54
CA PRO B 400 10.99 8.19 21.65
C PRO B 400 11.81 7.27 22.55
N ALA B 401 11.14 6.30 23.17
CA ALA B 401 11.81 5.18 23.83
C ALA B 401 11.95 4.04 22.83
N ALA B 402 12.29 2.84 23.30
CA ALA B 402 12.57 1.71 22.41
C ALA B 402 11.40 1.36 21.50
N TYR B 403 11.72 0.93 20.29
CA TYR B 403 10.71 0.58 19.29
C TYR B 403 10.33 -0.90 19.32
N THR B 404 9.04 -1.18 19.30
CA THR B 404 8.56 -2.54 19.12
C THR B 404 8.60 -2.91 17.63
N GLU B 405 8.31 -4.17 17.31
CA GLU B 405 8.17 -4.55 15.92
C GLU B 405 7.03 -3.79 15.26
N GLU B 406 5.95 -3.55 15.99
CA GLU B 406 4.82 -2.85 15.38
C GLU B 406 5.21 -1.41 15.04
N ASP B 407 5.95 -0.77 15.94
CA ASP B 407 6.49 0.57 15.69
C ASP B 407 7.30 0.56 14.41
N GLU B 408 8.21 -0.41 14.31
CA GLU B 408 9.10 -0.54 13.15
C GLU B 408 8.33 -0.78 11.86
N SER B 409 7.22 -1.50 11.93
CA SER B 409 6.45 -1.75 10.74
C SER B 409 5.87 -0.45 10.22
N LEU B 410 5.50 0.46 11.12
CA LEU B 410 4.95 1.74 10.72
C LEU B 410 6.03 2.69 10.25
N ILE B 411 7.15 2.68 10.95
CA ILE B 411 8.32 3.48 10.57
C ILE B 411 8.83 3.12 9.17
N GLN B 412 8.81 1.85 8.84
CA GLN B 412 9.21 1.39 7.53
C GLN B 412 8.32 1.98 6.44
N LEU B 413 7.03 2.06 6.73
CA LEU B 413 6.08 2.62 5.78
C LEU B 413 6.33 4.10 5.58
N ILE B 414 6.71 4.78 6.66
CA ILE B 414 6.94 6.22 6.59
C ILE B 414 8.22 6.49 5.83
N LYS B 415 9.26 5.69 6.10
CA LYS B 415 10.53 5.75 5.33
C LYS B 415 10.37 5.43 3.82
N ASP B 416 9.54 4.46 3.48
CA ASP B 416 9.41 4.05 2.08
C ASP B 416 8.58 5.05 1.28
N LEU B 417 7.70 5.78 1.95
CA LEU B 417 6.74 6.63 1.27
C LEU B 417 7.35 7.65 0.28
N PRO B 418 8.35 8.43 0.73
CA PRO B 418 8.94 9.43 -0.20
C PRO B 418 9.41 8.84 -1.52
N GLY B 419 10.08 7.69 -1.47
CA GLY B 419 10.54 7.04 -2.70
C GLY B 419 9.39 6.57 -3.58
N THR B 420 8.33 6.09 -2.97
CA THR B 420 7.16 5.61 -3.70
C THR B 420 6.45 6.79 -4.33
N ALA B 421 6.20 7.80 -3.51
CA ALA B 421 5.52 9.01 -3.94
C ALA B 421 6.30 9.70 -5.04
N ASP B 422 7.63 9.79 -4.89
CA ASP B 422 8.47 10.38 -5.92
C ASP B 422 8.31 9.73 -7.30
N HIS B 423 8.31 8.40 -7.36
CA HIS B 423 8.14 7.73 -8.65
C HIS B 423 6.79 8.05 -9.27
N TYR B 424 5.75 8.01 -8.46
CA TYR B 424 4.42 8.36 -8.93
C TYR B 424 4.32 9.78 -9.47
N TYR B 425 4.93 10.73 -8.74
CA TYR B 425 4.91 12.14 -9.14
C TYR B 425 5.68 12.31 -10.43
N LEU B 426 6.71 11.49 -10.65
CA LEU B 426 7.53 11.59 -11.86
C LEU B 426 6.96 10.92 -13.09
N ILE B 427 5.98 10.03 -12.95
CA ILE B 427 5.45 9.33 -14.12
C ILE B 427 4.91 10.29 -15.18
N PRO B 428 4.06 11.26 -14.78
CA PRO B 428 3.40 11.51 -13.52
C PRO B 428 2.04 10.82 -13.44
N ASP B 429 1.69 10.40 -12.23
CA ASP B 429 0.38 9.83 -11.89
C ASP B 429 0.08 10.38 -10.50
N ILE B 430 -0.62 11.49 -10.48
CA ILE B 430 -0.82 12.21 -9.24
C ILE B 430 -1.84 11.49 -8.38
N GLN B 431 -2.84 10.89 -9.02
CA GLN B 431 -3.81 10.09 -8.31
C GLN B 431 -3.15 9.01 -7.45
N LYS B 432 -2.15 8.34 -8.00
CA LYS B 432 -1.48 7.28 -7.28
C LYS B 432 -0.56 7.80 -6.19
N ALA B 433 0.02 8.98 -6.38
CA ALA B 433 0.87 9.55 -5.37
C ALA B 433 0.02 9.85 -4.14
N ILE B 434 -1.18 10.36 -4.39
CA ILE B 434 -2.11 10.69 -3.32
C ILE B 434 -2.55 9.42 -2.59
N ILE B 435 -2.87 8.38 -3.36
CA ILE B 435 -3.30 7.11 -2.77
C ILE B 435 -2.20 6.52 -1.89
N ALA B 436 -0.95 6.59 -2.35
CA ALA B 436 0.15 6.06 -1.57
C ALA B 436 0.28 6.82 -0.24
N VAL B 437 0.20 8.14 -0.27
CA VAL B 437 0.26 8.90 0.97
C VAL B 437 -0.89 8.50 1.89
N PHE B 438 -2.10 8.39 1.34
CA PHE B 438 -3.23 8.03 2.15
C PHE B 438 -3.19 6.61 2.70
N ASP B 439 -2.56 5.70 1.97
CA ASP B 439 -2.30 4.37 2.51
C ASP B 439 -1.50 4.49 3.83
N VAL B 440 -0.53 5.39 3.86
CA VAL B 440 0.30 5.58 5.06
C VAL B 440 -0.52 6.28 6.13
N LEU B 441 -1.31 7.26 5.74
CA LEU B 441 -2.20 7.90 6.69
C LEU B 441 -3.14 6.89 7.36
N ARG B 442 -3.66 5.94 6.59
CA ARG B 442 -4.55 4.93 7.15
C ARG B 442 -3.81 4.03 8.14
N ALA B 443 -2.58 3.66 7.81
CA ALA B 443 -1.76 2.82 8.67
C ALA B 443 -1.45 3.52 9.99
N ILE B 444 -1.20 4.83 9.93
CA ILE B 444 -0.91 5.60 11.14
C ILE B 444 -2.14 5.64 12.05
N ASN B 445 -3.31 5.86 11.44
CA ASN B 445 -4.57 5.84 12.18
C ASN B 445 -4.84 4.51 12.89
N ALA B 446 -4.61 3.41 12.17
CA ALA B 446 -4.81 2.08 12.74
C ALA B 446 -3.85 1.88 13.92
N TYR B 447 -2.60 2.26 13.72
CA TYR B 447 -1.59 2.22 14.78
C TYR B 447 -2.01 3.04 16.03
N VAL B 448 -2.56 4.22 15.81
CA VAL B 448 -3.00 5.07 16.91
C VAL B 448 -4.16 4.39 17.64
N THR B 449 -5.08 3.82 16.88
CA THR B 449 -6.17 3.06 17.47
C THR B 449 -5.67 1.87 18.28
N ASP B 450 -4.72 1.12 17.74
CA ASP B 450 -4.17 -0.03 18.48
C ASP B 450 -3.45 0.40 19.75
N MET B 451 -2.74 1.52 19.70
CA MET B 451 -1.92 1.92 20.83
C MET B 451 -2.70 2.69 21.90
N ALA B 452 -3.84 3.28 21.51
CA ALA B 452 -4.70 4.03 22.43
C ALA B 452 -3.91 5.02 23.33
N PRO B 453 -3.24 6.00 22.70
CA PRO B 453 -2.37 6.89 23.46
C PRO B 453 -3.08 7.70 24.55
N TRP B 454 -4.38 7.96 24.36
CA TRP B 454 -5.18 8.65 25.37
C TRP B 454 -5.17 7.93 26.73
N LYS B 455 -5.05 6.60 26.71
CA LYS B 455 -4.94 5.80 27.92
C LYS B 455 -3.52 5.78 28.47
N LEU B 456 -2.55 5.84 27.57
CA LEU B 456 -1.15 5.77 27.95
C LEU B 456 -0.67 6.99 28.75
N VAL B 457 -1.39 8.11 28.66
CA VAL B 457 -1.00 9.32 29.39
C VAL B 457 -0.97 9.03 30.90
N LYS B 458 -1.93 8.22 31.35
CA LYS B 458 -2.02 7.78 32.75
C LYS B 458 -1.18 6.52 33.00
N THR B 459 -1.37 5.53 32.13
CA THR B 459 -0.77 4.21 32.31
C THR B 459 0.75 4.13 32.10
N ASP B 460 1.24 4.57 30.93
CA ASP B 460 2.63 4.36 30.52
C ASP B 460 3.22 5.56 29.75
N PRO B 461 3.56 6.64 30.47
CA PRO B 461 4.07 7.85 29.82
C PRO B 461 5.30 7.60 28.92
N GLU B 462 6.17 6.67 29.33
CA GLU B 462 7.33 6.29 28.53
C GLU B 462 6.90 5.76 27.15
N ARG B 463 5.95 4.82 27.13
CA ARG B 463 5.49 4.26 25.87
C ARG B 463 4.81 5.33 25.00
N LEU B 464 4.10 6.25 25.64
CA LEU B 464 3.44 7.35 24.93
C LEU B 464 4.44 8.18 24.15
N ARG B 465 5.60 8.44 24.75
CA ARG B 465 6.65 9.19 24.07
C ARG B 465 6.97 8.58 22.71
N THR B 466 7.14 7.26 22.69
CA THR B 466 7.43 6.55 21.47
C THR B 466 6.30 6.70 20.45
N VAL B 467 5.08 6.49 20.93
CA VAL B 467 3.91 6.44 20.06
C VAL B 467 3.60 7.82 19.46
N LEU B 468 3.67 8.84 20.30
CA LEU B 468 3.50 10.21 19.84
C LEU B 468 4.54 10.60 18.81
N TYR B 469 5.80 10.30 19.11
CA TYR B 469 6.86 10.70 18.21
C TYR B 469 6.66 10.13 16.80
N ILE B 470 6.30 8.86 16.70
CA ILE B 470 6.14 8.18 15.43
C ILE B 470 4.96 8.80 14.68
N THR B 471 3.86 8.96 15.38
CA THR B 471 2.67 9.57 14.82
C THR B 471 2.97 10.96 14.25
N LEU B 472 3.62 11.77 15.08
CA LEU B 472 4.00 13.12 14.71
C LEU B 472 4.85 13.12 13.45
N GLU B 473 5.78 12.18 13.37
CA GLU B 473 6.69 12.14 12.25
C GLU B 473 6.00 11.57 10.99
N GLY B 474 5.05 10.67 11.17
CA GLY B 474 4.29 10.14 10.03
C GLY B 474 3.42 11.22 9.39
N VAL B 475 2.80 12.03 10.23
CA VAL B 475 1.96 13.13 9.77
C VAL B 475 2.79 14.18 9.05
N ARG B 476 4.00 14.45 9.55
CA ARG B 476 4.85 15.45 8.94
C ARG B 476 5.25 15.02 7.53
N VAL B 477 5.70 13.77 7.41
CA VAL B 477 6.19 13.26 6.13
C VAL B 477 5.07 13.13 5.10
N THR B 478 3.90 12.67 5.52
CA THR B 478 2.72 12.60 4.64
C THR B 478 2.23 13.99 4.22
N THR B 479 2.30 14.95 5.14
CA THR B 479 1.85 16.31 4.89
C THR B 479 2.78 16.95 3.88
N LEU B 480 4.08 16.75 4.08
CA LEU B 480 5.09 17.18 3.12
C LEU B 480 4.79 16.67 1.71
N LEU B 481 4.58 15.37 1.56
CA LEU B 481 4.30 14.82 0.23
C LEU B 481 2.92 15.18 -0.32
N LEU B 482 2.01 15.63 0.53
CA LEU B 482 0.71 16.16 0.07
C LEU B 482 0.69 17.66 -0.11
N SER B 483 1.74 18.35 0.32
CA SER B 483 1.72 19.81 0.23
C SER B 483 1.52 20.33 -1.21
N PRO B 484 1.98 19.60 -2.22
CA PRO B 484 1.66 20.01 -3.60
C PRO B 484 0.17 19.94 -3.94
N ILE B 485 -0.55 19.05 -3.26
CA ILE B 485 -1.97 18.86 -3.48
C ILE B 485 -2.77 19.87 -2.65
N LEU B 486 -2.36 20.06 -1.41
CA LEU B 486 -3.06 20.91 -0.47
C LEU B 486 -2.10 21.97 0.05
N PRO B 487 -1.73 22.92 -0.80
CA PRO B 487 -0.69 23.87 -0.41
C PRO B 487 -1.00 24.75 0.81
N ARG B 488 -2.25 25.19 0.97
CA ARG B 488 -2.64 26.02 2.12
C ARG B 488 -2.79 25.22 3.40
N LYS B 489 -3.54 24.13 3.32
CA LYS B 489 -3.80 23.28 4.47
C LYS B 489 -2.52 22.66 5.02
N SER B 490 -1.54 22.43 4.16
CA SER B 490 -0.26 21.88 4.62
C SER B 490 0.47 22.87 5.52
N VAL B 491 0.34 24.17 5.21
CA VAL B 491 0.98 25.18 6.05
C VAL B 491 0.34 25.17 7.43
N VAL B 492 -0.99 25.04 7.47
CA VAL B 492 -1.73 25.02 8.72
C VAL B 492 -1.24 23.84 9.57
N ILE B 493 -1.14 22.66 8.95
CA ILE B 493 -0.72 21.46 9.65
C ILE B 493 0.68 21.62 10.18
N PHE B 494 1.60 22.09 9.34
CA PHE B 494 2.98 22.28 9.79
C PHE B 494 3.03 23.28 10.95
N ASP B 495 2.24 24.35 10.86
CA ASP B 495 2.18 25.34 11.94
C ASP B 495 1.73 24.66 13.24
N MET B 496 0.68 23.83 13.14
CA MET B 496 0.19 23.09 14.30
C MET B 496 1.27 22.21 14.91
N LEU B 497 2.00 21.49 14.07
CA LEU B 497 3.10 20.62 14.52
C LEU B 497 4.34 21.37 15.00
N GLY B 498 4.39 22.67 14.75
CA GLY B 498 5.57 23.47 15.07
C GLY B 498 6.78 23.16 14.22
N VAL B 499 6.56 22.69 12.99
CA VAL B 499 7.65 22.36 12.07
C VAL B 499 8.30 23.65 11.59
N PRO B 500 9.63 23.80 11.82
CA PRO B 500 10.29 25.01 11.32
C PRO B 500 10.25 25.08 9.80
N GLU B 501 10.18 26.29 9.26
CA GLU B 501 10.15 26.53 7.81
C GLU B 501 11.18 25.72 7.04
N VAL B 502 12.41 25.73 7.56
CA VAL B 502 13.55 25.06 6.93
C VAL B 502 13.28 23.57 6.70
N HIS B 503 12.46 22.95 7.53
CA HIS B 503 12.09 21.54 7.38
C HIS B 503 10.81 21.30 6.58
N ARG B 504 10.28 22.34 5.95
CA ARG B 504 9.02 22.20 5.20
C ARG B 504 9.25 21.97 3.72
N LYS B 505 10.50 22.10 3.28
CA LYS B 505 10.87 21.82 1.90
C LYS B 505 12.29 21.24 1.87
N GLY B 506 12.63 20.57 0.76
CA GLY B 506 13.95 20.00 0.55
C GLY B 506 13.91 18.50 0.64
N ILE B 507 14.48 17.83 -0.36
CA ILE B 507 14.57 16.37 -0.39
C ILE B 507 15.21 15.75 0.87
N GLU B 508 16.14 16.47 1.47
CA GLU B 508 16.77 16.01 2.71
C GLU B 508 15.78 15.87 3.87
N ASN B 509 14.65 16.57 3.80
CA ASN B 509 13.61 16.48 4.83
C ASN B 509 12.51 15.45 4.56
N PHE B 510 12.65 14.70 3.49
CA PHE B 510 11.77 13.57 3.23
C PHE B 510 12.13 12.44 4.18
N GLU B 511 13.32 12.49 4.76
CA GLU B 511 13.81 11.45 5.65
C GLU B 511 13.17 11.46 7.04
N PHE B 512 12.84 10.26 7.51
CA PHE B 512 12.32 10.02 8.84
C PHE B 512 13.26 10.63 9.87
N GLY B 513 12.70 11.39 10.80
CA GLY B 513 13.45 11.93 11.92
C GLY B 513 14.06 13.29 11.69
N ALA B 514 13.53 14.05 10.74
CA ALA B 514 14.14 15.34 10.39
C ALA B 514 13.90 16.42 11.43
N VAL B 515 12.91 16.22 12.28
CA VAL B 515 12.55 17.19 13.30
C VAL B 515 12.92 16.65 14.67
N PRO B 516 13.82 17.34 15.38
CA PRO B 516 14.32 16.83 16.65
C PRO B 516 13.29 16.87 17.78
N PRO B 517 13.32 15.85 18.66
CA PRO B 517 12.59 15.94 19.92
C PRO B 517 12.92 17.24 20.66
N GLY B 518 11.95 17.77 21.38
CA GLY B 518 12.08 19.06 22.04
C GLY B 518 11.46 20.19 21.24
N THR B 519 11.20 19.95 19.97
CA THR B 519 10.49 20.92 19.14
C THR B 519 9.11 21.18 19.70
N ARG B 520 8.79 22.46 19.92
CA ARG B 520 7.49 22.87 20.44
C ARG B 520 6.42 22.85 19.35
N LEU B 521 5.21 22.40 19.70
CA LEU B 521 4.06 22.58 18.84
C LEU B 521 3.72 24.07 18.71
N GLY B 522 2.93 24.40 17.68
CA GLY B 522 2.40 25.73 17.52
C GLY B 522 1.17 25.92 18.40
N PRO B 523 0.81 27.17 18.70
CA PRO B 523 -0.34 27.41 19.57
C PRO B 523 -1.63 27.01 18.88
N ALA B 524 -2.46 26.22 19.55
CA ALA B 524 -3.73 25.79 18.97
C ALA B 524 -4.78 26.88 19.17
N VAL B 525 -5.47 27.24 18.09
CA VAL B 525 -6.56 28.24 18.16
C VAL B 525 -7.79 27.57 18.77
N GLU B 526 -8.48 28.29 19.67
CA GLU B 526 -9.61 27.74 20.42
C GLU B 526 -10.81 27.45 19.53
N GLY B 527 -11.13 26.17 19.36
CA GLY B 527 -12.27 25.73 18.56
C GLY B 527 -11.99 25.79 17.06
N GLU B 528 -10.81 25.31 16.65
CA GLU B 528 -10.42 25.34 15.24
C GLU B 528 -10.60 23.98 14.59
N VAL B 529 -10.90 23.99 13.29
CA VAL B 529 -11.06 22.76 12.53
C VAL B 529 -10.26 22.86 11.24
N LEU B 530 -9.65 21.76 10.84
CA LEU B 530 -8.82 21.71 9.65
C LEU B 530 -9.69 21.57 8.41
N PHE B 531 -10.56 20.56 8.44
CA PHE B 531 -11.57 20.36 7.41
C PHE B 531 -12.92 20.17 8.08
N SER B 532 -13.90 20.98 7.70
CA SER B 532 -15.23 20.87 8.26
C SER B 532 -16.00 19.80 7.53
N LYS B 533 -16.60 18.88 8.27
CA LYS B 533 -17.46 17.86 7.68
C LYS B 533 -18.75 18.53 7.22
N ARG B 534 -19.42 17.95 6.23
CA ARG B 534 -20.65 18.55 5.69
C ARG B 534 -21.83 17.59 5.55
N SER B 535 -23.03 18.18 5.49
CA SER B 535 -24.30 17.47 5.64
C SER B 535 -24.56 16.37 4.62
N THR B 536 -25.39 15.41 5.00
CA THR B 536 -25.77 14.25 4.16
C THR B 536 -24.55 13.58 3.54
#